data_7R98
#
_entry.id   7R98
#
_cell.length_a   99.613
_cell.length_b   175.061
_cell.length_c   111.964
_cell.angle_alpha   90.000
_cell.angle_beta   90.000
_cell.angle_gamma   90.000
#
_symmetry.space_group_name_H-M   'C 2 2 21'
#
loop_
_entity.id
_entity.type
_entity.pdbx_description
1 polymer Nucleoprotein
2 polymer 'Nanobody B6'
#
loop_
_entity_poly.entity_id
_entity_poly.type
_entity_poly.pdbx_seq_one_letter_code
_entity_poly.pdbx_strand_id
1 'polypeptide(L)'
;ATASWFTALTQHGKEDLKFPRGQGVPINTNSSPDDQIGYYRRATRRIRGGDGKMKDLSPRWYFYYLGTGPEAGLPYGANK
DGIIWVATEGALNTPKDHIGTRNPANNAAIVLQLPQGTTLPKGFYAE
;
A,B,C
2 'polypeptide(L)'
;MAEVQLQASGGGLVQAGDSLRLSCVAVSGRTISTFAMGWFRQAPGKEREFVATINWSGSSARYADPVEGRFTISRDDAKN
TVYLEMSSLKPGDSAVYYCASGRYLGGITSYSQGDFAPWGQGTQVTVSSAAALEHHHHHH
;
D,E,F
#
# COMPACT_ATOMS: atom_id res chain seq x y z
N THR A 2 -1.40 21.26 -14.15
CA THR A 2 -1.84 21.08 -12.76
C THR A 2 -3.18 21.77 -12.67
N ALA A 3 -4.19 21.05 -12.17
CA ALA A 3 -5.55 21.58 -12.09
C ALA A 3 -6.32 20.72 -11.12
N SER A 4 -7.43 21.24 -10.65
CA SER A 4 -8.31 20.43 -9.83
C SER A 4 -8.80 19.21 -10.58
N TRP A 5 -8.94 18.10 -9.84
CA TRP A 5 -9.46 16.88 -10.40
C TRP A 5 -10.92 17.02 -10.79
N PHE A 6 -11.60 18.06 -10.30
CA PHE A 6 -13.03 18.18 -10.51
C PHE A 6 -13.37 19.51 -11.14
N THR A 7 -14.66 19.65 -11.46
CA THR A 7 -15.21 20.91 -11.93
C THR A 7 -15.58 21.79 -10.75
N ALA A 8 -15.60 23.10 -11.01
CA ALA A 8 -15.78 24.11 -9.99
C ALA A 8 -17.25 24.24 -9.59
N LEU A 9 -17.48 24.84 -8.44
CA LEU A 9 -18.78 25.25 -7.98
C LEU A 9 -18.80 26.75 -8.24
N THR A 10 -19.73 27.21 -9.07
CA THR A 10 -19.84 28.64 -9.32
C THR A 10 -20.68 29.28 -8.23
N GLN A 11 -20.13 30.37 -7.68
CA GLN A 11 -20.81 31.18 -6.69
C GLN A 11 -21.71 32.16 -7.45
N HIS A 12 -23.00 31.92 -7.41
CA HIS A 12 -23.93 32.80 -8.09
C HIS A 12 -24.38 33.91 -7.18
N GLY A 13 -24.02 33.81 -5.90
CA GLY A 13 -24.53 34.68 -4.89
C GLY A 13 -23.49 35.63 -4.34
N LYS A 14 -23.90 36.32 -3.29
CA LYS A 14 -23.06 37.13 -2.43
C LYS A 14 -22.32 36.27 -1.42
N GLU A 15 -22.95 35.18 -0.96
CA GLU A 15 -22.33 34.33 0.04
C GLU A 15 -21.20 33.51 -0.57
N ASP A 16 -20.11 33.42 0.16
CA ASP A 16 -18.96 32.63 -0.18
C ASP A 16 -19.19 31.17 0.18
N LEU A 17 -18.34 30.31 -0.37
CA LEU A 17 -18.46 28.88 -0.15
C LEU A 17 -18.03 28.52 1.27
N LYS A 18 -18.84 27.71 1.92
CA LYS A 18 -18.58 27.14 3.22
C LYS A 18 -19.41 25.88 3.30
N PHE A 19 -18.93 24.94 4.11
CA PHE A 19 -19.61 23.69 4.37
C PHE A 19 -19.55 23.43 5.85
N PRO A 20 -20.59 22.83 6.43
CA PRO A 20 -20.49 22.28 7.78
C PRO A 20 -19.41 21.21 7.83
N ARG A 21 -18.89 20.99 9.03
CA ARG A 21 -17.85 19.98 9.23
C ARG A 21 -18.39 18.60 8.88
N GLY A 22 -17.64 17.90 8.07
CA GLY A 22 -18.05 16.59 7.64
C GLY A 22 -18.61 16.57 6.26
N GLN A 23 -18.75 17.74 5.63
CA GLN A 23 -19.42 17.92 4.37
C GLN A 23 -18.59 18.74 3.42
N GLY A 24 -18.92 18.66 2.11
CA GLY A 24 -18.30 19.46 1.09
C GLY A 24 -17.19 18.81 0.32
N VAL A 25 -16.87 17.54 0.58
CA VAL A 25 -15.83 16.84 -0.19
C VAL A 25 -16.46 16.14 -1.38
N PRO A 26 -15.96 16.40 -2.60
CA PRO A 26 -16.49 15.77 -3.80
C PRO A 26 -16.38 14.27 -3.73
N ILE A 27 -17.35 13.62 -4.32
CA ILE A 27 -17.33 12.17 -4.44
C ILE A 27 -16.32 11.73 -5.49
N ASN A 28 -15.38 10.85 -5.11
CA ASN A 28 -14.39 10.24 -6.00
C ASN A 28 -14.25 8.77 -5.63
N THR A 29 -14.75 7.87 -6.46
CA THR A 29 -14.86 6.48 -6.06
C THR A 29 -13.50 5.81 -6.10
N ASN A 30 -12.53 6.43 -6.77
CA ASN A 30 -11.13 6.01 -6.78
C ASN A 30 -10.27 6.73 -5.75
N SER A 31 -10.85 6.99 -4.59
CA SER A 31 -10.20 7.55 -3.45
C SER A 31 -10.79 6.83 -2.23
N SER A 32 -10.10 6.92 -1.11
CA SER A 32 -10.45 6.12 0.04
C SER A 32 -10.99 6.99 1.13
N PRO A 33 -11.56 6.38 2.17
CA PRO A 33 -11.98 7.17 3.34
C PRO A 33 -10.84 7.94 3.95
N ASP A 34 -9.62 7.41 3.95
CA ASP A 34 -8.49 8.15 4.49
C ASP A 34 -8.22 9.45 3.73
N ASP A 35 -8.66 9.55 2.46
CA ASP A 35 -8.25 10.64 1.57
C ASP A 35 -9.19 11.83 1.62
N GLN A 36 -10.32 11.72 2.31
CA GLN A 36 -11.49 12.55 2.05
C GLN A 36 -11.39 13.89 2.78
N ILE A 37 -10.46 14.72 2.32
CA ILE A 37 -10.09 15.94 3.02
C ILE A 37 -9.28 16.83 2.09
N GLY A 38 -9.57 18.13 2.17
CA GLY A 38 -8.91 19.09 1.30
C GLY A 38 -9.57 20.44 1.44
N TYR A 39 -9.30 21.29 0.46
CA TYR A 39 -9.73 22.66 0.47
C TYR A 39 -10.29 23.08 -0.89
N TYR A 40 -11.14 24.12 -0.88
CA TYR A 40 -11.61 24.79 -2.11
C TYR A 40 -10.85 26.12 -2.23
N ARG A 41 -10.47 26.47 -3.46
CA ARG A 41 -9.80 27.73 -3.76
C ARG A 41 -10.68 28.56 -4.67
N ARG A 42 -11.04 29.74 -4.22
CA ARG A 42 -11.71 30.69 -5.08
C ARG A 42 -10.76 31.26 -6.12
N ALA A 43 -11.23 31.32 -7.36
CA ALA A 43 -10.58 31.97 -8.48
C ALA A 43 -11.66 32.79 -9.15
N THR A 44 -11.44 34.09 -9.30
CA THR A 44 -12.45 34.98 -9.86
C THR A 44 -11.95 35.41 -11.22
N ARG A 45 -12.84 35.45 -12.21
CA ARG A 45 -12.45 35.80 -13.57
C ARG A 45 -12.88 37.24 -13.81
N ARG A 46 -12.13 37.93 -14.69
CA ARG A 46 -12.30 39.36 -14.86
C ARG A 46 -11.57 39.86 -16.11
N MET A 54 -14.67 45.31 -19.78
CA MET A 54 -14.11 44.36 -18.81
C MET A 54 -15.13 44.22 -17.68
N LYS A 55 -15.50 42.98 -17.34
CA LYS A 55 -16.47 42.71 -16.27
C LYS A 55 -15.89 41.62 -15.38
N ASP A 56 -16.52 41.42 -14.22
CA ASP A 56 -16.14 40.37 -13.27
C ASP A 56 -17.14 39.22 -13.41
N LEU A 57 -16.67 38.08 -13.89
CA LEU A 57 -17.48 36.86 -13.90
C LEU A 57 -17.66 36.34 -12.48
N SER A 58 -18.67 35.49 -12.29
CA SER A 58 -18.92 34.94 -10.97
C SER A 58 -17.72 34.12 -10.49
N PRO A 59 -17.44 34.13 -9.18
CA PRO A 59 -16.32 33.34 -8.65
C PRO A 59 -16.58 31.86 -8.82
N ARG A 60 -15.48 31.11 -9.00
CA ARG A 60 -15.47 29.66 -9.13
C ARG A 60 -14.60 29.09 -8.01
N TRP A 61 -15.13 28.11 -7.32
CA TRP A 61 -14.44 27.44 -6.25
C TRP A 61 -14.02 26.06 -6.70
N TYR A 62 -12.69 25.81 -6.72
CA TYR A 62 -12.08 24.52 -7.12
C TYR A 62 -11.57 23.74 -5.91
N PHE A 63 -11.92 22.46 -5.84
CA PHE A 63 -11.44 21.59 -4.79
C PHE A 63 -10.10 20.95 -5.12
N TYR A 64 -9.19 21.00 -4.17
CA TYR A 64 -7.88 20.37 -4.20
C TYR A 64 -7.76 19.49 -2.95
N TYR A 65 -7.12 18.35 -3.10
CA TYR A 65 -6.92 17.47 -1.97
C TYR A 65 -5.82 18.07 -1.07
N LEU A 66 -5.94 17.76 0.21
CA LEU A 66 -4.96 18.33 1.14
C LEU A 66 -3.53 17.97 0.76
N GLY A 67 -2.66 18.96 0.78
CA GLY A 67 -1.30 18.65 0.39
C GLY A 67 -1.03 18.68 -1.08
N THR A 68 -2.01 19.11 -1.86
CA THR A 68 -1.89 19.18 -3.32
C THR A 68 -2.36 20.57 -3.74
N GLY A 69 -1.98 20.96 -4.94
CA GLY A 69 -2.57 22.12 -5.55
C GLY A 69 -1.83 23.41 -5.31
N PRO A 70 -2.47 24.53 -5.61
CA PRO A 70 -1.82 25.84 -5.39
C PRO A 70 -1.42 26.11 -3.95
N GLU A 71 -2.18 25.60 -2.99
CA GLU A 71 -1.88 25.73 -1.57
C GLU A 71 -1.54 24.36 -0.98
N ALA A 72 -0.69 23.61 -1.68
CA ALA A 72 -0.26 22.31 -1.15
C ALA A 72 0.45 22.46 0.21
N GLY A 73 1.19 23.56 0.38
CA GLY A 73 1.93 23.83 1.62
C GLY A 73 1.09 24.14 2.85
N LEU A 74 -0.15 24.65 2.66
CA LEU A 74 -1.02 25.00 3.80
C LEU A 74 -1.43 23.76 4.57
N PRO A 75 -1.28 23.73 5.88
CA PRO A 75 -1.89 22.61 6.60
C PRO A 75 -3.35 22.83 6.81
N TYR A 76 -4.09 21.73 6.86
CA TYR A 76 -5.50 21.78 7.11
C TYR A 76 -5.77 22.74 8.27
N GLY A 77 -6.67 23.70 8.00
CA GLY A 77 -7.09 24.72 8.93
C GLY A 77 -6.48 26.08 8.69
N ALA A 78 -5.35 26.15 8.00
CA ALA A 78 -4.69 27.45 7.86
C ALA A 78 -5.67 28.48 7.33
N ASN A 79 -5.50 29.72 7.77
CA ASN A 79 -6.31 30.82 7.29
C ASN A 79 -5.64 31.52 6.10
N LYS A 80 -6.28 31.46 4.94
CA LYS A 80 -5.94 32.29 3.79
C LYS A 80 -7.21 32.71 3.07
N ASP A 81 -7.22 33.92 2.55
CA ASP A 81 -8.40 34.43 1.86
C ASP A 81 -8.68 33.60 0.63
N GLY A 82 -9.95 33.19 0.49
CA GLY A 82 -10.36 32.38 -0.61
C GLY A 82 -10.08 30.90 -0.43
N ILE A 83 -9.53 30.49 0.71
CA ILE A 83 -9.30 29.08 1.02
C ILE A 83 -10.32 28.67 2.07
N ILE A 84 -11.12 27.67 1.79
CA ILE A 84 -11.99 27.03 2.76
C ILE A 84 -11.69 25.54 2.81
N TRP A 85 -11.94 24.93 3.96
CA TRP A 85 -11.44 23.60 4.32
C TRP A 85 -12.60 22.66 4.52
N VAL A 86 -12.50 21.44 3.96
CA VAL A 86 -13.56 20.45 4.10
C VAL A 86 -12.94 19.10 4.36
N ALA A 87 -13.72 18.26 5.00
CA ALA A 87 -13.31 16.90 5.27
C ALA A 87 -14.56 16.07 5.55
N THR A 88 -14.42 14.79 5.33
CA THR A 88 -15.44 13.79 5.62
C THR A 88 -15.04 12.96 6.81
N GLU A 89 -16.01 12.55 7.63
CA GLU A 89 -15.69 11.70 8.76
C GLU A 89 -14.80 10.54 8.30
N GLY A 90 -13.70 10.31 9.03
CA GLY A 90 -12.78 9.26 8.72
C GLY A 90 -11.53 9.69 7.99
N ALA A 91 -11.49 10.90 7.46
CA ALA A 91 -10.28 11.30 6.75
C ALA A 91 -9.10 11.43 7.74
N LEU A 92 -7.91 11.32 7.18
CA LEU A 92 -6.69 11.51 7.94
C LEU A 92 -5.98 12.78 7.53
N ASN A 93 -5.32 13.43 8.50
CA ASN A 93 -4.66 14.69 8.24
C ASN A 93 -3.22 14.48 7.78
N THR A 94 -3.11 13.89 6.60
CA THR A 94 -1.87 13.67 5.88
C THR A 94 -1.97 14.18 4.44
N PRO A 95 -0.85 14.60 3.89
CA PRO A 95 -0.85 15.05 2.50
C PRO A 95 -1.21 13.92 1.53
N LYS A 96 -2.05 14.24 0.54
CA LYS A 96 -2.55 13.24 -0.41
C LYS A 96 -1.73 13.25 -1.70
N ASP A 97 -0.43 12.98 -1.53
CA ASP A 97 0.55 13.05 -2.61
C ASP A 97 0.24 12.04 -3.71
N HIS A 98 -0.31 10.88 -3.33
CA HIS A 98 -0.63 9.83 -4.28
C HIS A 98 -1.72 10.26 -5.26
N ILE A 99 -2.74 10.99 -4.78
CA ILE A 99 -3.78 11.53 -5.66
C ILE A 99 -3.23 12.66 -6.53
N GLY A 100 -2.61 13.66 -5.90
CA GLY A 100 -1.97 14.73 -6.66
C GLY A 100 -2.98 15.66 -7.32
N THR A 101 -2.55 16.30 -8.41
CA THR A 101 -3.36 17.18 -9.25
C THR A 101 -3.54 16.54 -10.63
N ARG A 102 -4.41 17.17 -11.42
CA ARG A 102 -4.78 16.68 -12.75
C ARG A 102 -4.02 17.40 -13.84
N ASN A 103 -3.46 16.63 -14.76
CA ASN A 103 -2.89 17.22 -15.96
C ASN A 103 -3.93 17.26 -17.06
N PRO A 104 -4.39 18.43 -17.49
CA PRO A 104 -5.50 18.48 -18.44
C PRO A 104 -5.25 17.74 -19.79
N ALA A 105 -4.01 17.62 -20.24
CA ALA A 105 -3.73 16.91 -21.48
C ALA A 105 -3.97 15.40 -21.35
N ASN A 106 -3.58 14.81 -20.24
CA ASN A 106 -3.70 13.37 -20.09
C ASN A 106 -5.05 12.95 -19.53
N ASN A 107 -5.62 13.75 -18.64
CA ASN A 107 -6.89 13.40 -18.01
C ASN A 107 -7.83 14.60 -17.97
N ALA A 108 -9.11 14.31 -17.77
CA ALA A 108 -10.13 15.35 -17.76
C ALA A 108 -10.89 15.37 -16.45
N ALA A 109 -11.51 16.50 -16.25
CA ALA A 109 -12.09 16.82 -14.96
C ALA A 109 -13.29 15.95 -14.63
N ILE A 110 -13.41 15.65 -13.35
CA ILE A 110 -14.53 14.90 -12.84
C ILE A 110 -15.61 15.89 -12.45
N VAL A 111 -16.82 15.62 -12.91
CA VAL A 111 -17.97 16.44 -12.52
C VAL A 111 -18.15 16.33 -11.03
N LEU A 112 -18.05 17.47 -10.34
CA LEU A 112 -18.16 17.51 -8.88
C LEU A 112 -19.53 17.04 -8.46
N GLN A 113 -19.57 16.06 -7.61
CA GLN A 113 -20.82 15.59 -7.06
C GLN A 113 -20.71 15.59 -5.54
N LEU A 114 -21.78 16.02 -4.88
CA LEU A 114 -21.90 16.07 -3.45
C LEU A 114 -22.97 15.11 -3.01
N PRO A 115 -22.78 14.47 -1.87
CA PRO A 115 -23.81 13.53 -1.41
C PRO A 115 -25.15 14.22 -1.19
N GLN A 116 -26.18 13.40 -1.26
CA GLN A 116 -27.53 13.84 -0.97
C GLN A 116 -27.62 14.45 0.41
N GLY A 117 -28.30 15.59 0.50
CA GLY A 117 -28.46 16.27 1.78
C GLY A 117 -27.33 17.21 2.20
N THR A 118 -26.31 17.38 1.36
CA THR A 118 -25.24 18.32 1.64
C THR A 118 -25.79 19.74 1.74
N THR A 119 -25.31 20.46 2.75
CA THR A 119 -25.78 21.80 3.01
C THR A 119 -24.89 22.81 2.29
N LEU A 120 -25.53 23.59 1.33
CA LEU A 120 -24.80 24.57 0.51
C LEU A 120 -25.23 25.97 0.85
N PRO A 121 -24.36 26.96 0.70
CA PRO A 121 -24.78 28.36 0.87
C PRO A 121 -25.73 28.82 -0.24
N LYS A 122 -26.34 29.96 0.00
CA LYS A 122 -27.17 30.58 -1.01
C LYS A 122 -26.37 30.97 -2.25
N GLY A 123 -26.89 30.56 -3.42
CA GLY A 123 -26.27 30.86 -4.66
C GLY A 123 -25.38 29.76 -5.17
N PHE A 124 -25.35 28.64 -4.46
CA PHE A 124 -24.56 27.48 -4.86
C PHE A 124 -25.53 26.35 -5.21
N TYR A 125 -25.30 25.72 -6.32
CA TYR A 125 -26.12 24.59 -6.70
C TYR A 125 -25.24 23.46 -7.22
N ALA A 126 -25.65 22.24 -6.86
CA ALA A 126 -25.05 20.97 -7.29
C ALA A 126 -26.07 20.19 -8.12
N GLU A 127 -25.75 19.97 -9.40
CA GLU A 127 -26.69 19.34 -10.36
C GLU A 127 -27.72 18.47 -9.65
N ALA B 1 20.87 18.32 -0.39
CA ALA B 1 19.58 17.68 -0.71
C ALA B 1 19.51 16.26 -0.09
N THR B 2 20.67 15.75 0.31
CA THR B 2 20.81 14.46 0.98
C THR B 2 21.36 14.66 2.38
N ALA B 3 20.74 14.01 3.34
CA ALA B 3 21.25 14.02 4.71
C ALA B 3 20.59 12.88 5.48
N SER B 4 21.26 12.48 6.58
CA SER B 4 20.70 11.46 7.47
C SER B 4 19.41 12.02 8.06
N TRP B 5 18.36 11.18 8.12
CA TRP B 5 17.11 11.67 8.70
C TRP B 5 17.30 12.10 10.16
N PHE B 6 18.44 11.74 10.80
CA PHE B 6 18.65 11.93 12.22
C PHE B 6 19.94 12.69 12.54
N THR B 7 20.12 13.03 13.82
CA THR B 7 21.37 13.62 14.26
C THR B 7 22.39 12.52 14.54
N ALA B 8 23.67 12.90 14.49
CA ALA B 8 24.79 11.97 14.57
C ALA B 8 25.04 11.55 16.02
N LEU B 9 25.83 10.46 16.20
CA LEU B 9 26.33 10.00 17.50
C LEU B 9 27.83 10.25 17.67
N THR B 10 28.21 11.00 18.71
CA THR B 10 29.62 11.31 18.94
C THR B 10 30.38 10.20 19.67
N GLN B 11 31.57 9.90 19.16
CA GLN B 11 32.51 8.95 19.77
C GLN B 11 33.45 9.68 20.74
N HIS B 12 33.24 9.43 22.04
CA HIS B 12 34.02 10.02 23.13
C HIS B 12 35.22 9.15 23.56
N GLY B 13 35.33 7.93 23.03
CA GLY B 13 36.33 6.99 23.48
C GLY B 13 37.35 6.56 22.44
N LYS B 14 38.03 5.46 22.74
CA LYS B 14 38.87 4.74 21.77
C LYS B 14 38.06 3.81 20.86
N GLU B 15 37.09 3.09 21.41
CA GLU B 15 36.33 2.15 20.60
C GLU B 15 35.33 2.81 19.65
N ASP B 16 35.23 2.22 18.45
CA ASP B 16 34.36 2.69 17.38
C ASP B 16 32.94 2.18 17.58
N LEU B 17 32.04 2.81 16.84
CA LEU B 17 30.63 2.50 16.94
C LEU B 17 30.34 1.10 16.41
N LYS B 18 29.63 0.34 17.22
CA LYS B 18 29.18 -0.99 16.87
C LYS B 18 28.00 -1.25 17.79
N PHE B 19 27.12 -2.16 17.34
CA PHE B 19 25.96 -2.57 18.13
C PHE B 19 25.84 -4.07 18.04
N PRO B 20 25.33 -4.72 19.08
CA PRO B 20 24.93 -6.13 18.94
C PRO B 20 23.88 -6.28 17.85
N ARG B 21 23.72 -7.50 17.36
CA ARG B 21 22.71 -7.72 16.34
C ARG B 21 21.34 -7.41 16.89
N GLY B 22 20.58 -6.61 16.16
CA GLY B 22 19.24 -6.25 16.57
C GLY B 22 19.15 -4.91 17.25
N GLN B 23 20.26 -4.21 17.41
CA GLN B 23 20.29 -3.01 18.21
C GLN B 23 20.94 -1.89 17.43
N GLY B 24 20.69 -0.64 17.84
CA GLY B 24 21.32 0.47 17.19
C GLY B 24 20.50 1.15 16.13
N VAL B 25 19.23 0.81 15.98
CA VAL B 25 18.39 1.45 14.96
C VAL B 25 17.65 2.64 15.57
N PRO B 26 17.78 3.83 14.97
CA PRO B 26 17.04 5.00 15.46
C PRO B 26 15.54 4.83 15.43
N ILE B 27 14.90 5.33 16.45
CA ILE B 27 13.45 5.34 16.52
C ILE B 27 12.89 6.40 15.58
N ASN B 28 12.04 5.94 14.65
CA ASN B 28 11.28 6.76 13.71
C ASN B 28 9.88 6.19 13.72
N THR B 29 8.90 6.89 14.31
CA THR B 29 7.59 6.30 14.52
C THR B 29 6.74 6.27 13.25
N ASN B 30 7.14 7.06 12.24
CA ASN B 30 6.61 7.07 10.89
C ASN B 30 7.34 6.14 9.96
N SER B 31 7.81 5.02 10.50
CA SER B 31 8.43 3.95 9.76
C SER B 31 7.88 2.64 10.38
N SER B 32 8.09 1.54 9.65
CA SER B 32 7.50 0.26 9.97
C SER B 32 8.56 -0.65 10.49
N PRO B 33 8.17 -1.81 11.01
CA PRO B 33 9.16 -2.87 11.34
C PRO B 33 9.93 -3.35 10.14
N ASP B 34 9.30 -3.38 8.99
CA ASP B 34 9.99 -3.83 7.78
C ASP B 34 11.14 -2.92 7.46
N ASP B 35 11.05 -1.66 7.89
CA ASP B 35 11.98 -0.63 7.46
C ASP B 35 13.20 -0.50 8.36
N GLN B 36 13.26 -1.23 9.47
CA GLN B 36 14.20 -0.97 10.56
C GLN B 36 15.57 -1.59 10.30
N ILE B 37 16.28 -1.01 9.33
CA ILE B 37 17.51 -1.61 8.84
C ILE B 37 18.31 -0.55 8.08
N GLY B 38 19.63 -0.59 8.29
CA GLY B 38 20.53 0.37 7.66
C GLY B 38 21.92 0.39 8.28
N TYR B 39 22.62 1.48 8.00
CA TYR B 39 24.02 1.62 8.40
C TYR B 39 24.32 2.99 9.01
N TYR B 40 25.38 3.04 9.80
CA TYR B 40 25.96 4.30 10.27
C TYR B 40 27.24 4.53 9.47
N ARG B 41 27.51 5.79 9.12
CA ARG B 41 28.73 6.20 8.43
C ARG B 41 29.49 7.13 9.36
N ARG B 42 30.74 6.77 9.70
CA ARG B 42 31.61 7.63 10.49
C ARG B 42 31.97 8.92 9.72
N ALA B 43 31.90 10.07 10.41
CA ALA B 43 32.38 11.34 9.85
C ALA B 43 33.31 11.95 10.91
N THR B 44 34.57 12.16 10.55
CA THR B 44 35.58 12.69 11.45
C THR B 44 36.09 13.99 10.85
N ARG B 45 36.27 15.01 11.66
CA ARG B 45 36.87 16.24 11.20
C ARG B 45 38.28 16.33 11.77
N ARG B 46 39.15 17.08 11.09
CA ARG B 46 40.48 17.35 11.60
C ARG B 46 40.47 18.75 12.25
N LEU B 57 39.51 15.79 16.72
CA LEU B 57 38.10 15.82 17.11
C LEU B 57 37.50 14.45 17.38
N SER B 58 36.25 14.45 17.82
CA SER B 58 35.60 13.16 17.99
C SER B 58 34.92 12.77 16.70
N PRO B 59 34.89 11.48 16.35
CA PRO B 59 34.07 11.06 15.20
C PRO B 59 32.59 11.16 15.48
N ARG B 60 31.83 11.50 14.43
CA ARG B 60 30.37 11.56 14.49
C ARG B 60 29.77 10.63 13.43
N TRP B 61 28.92 9.73 13.89
CA TRP B 61 28.31 8.66 13.10
C TRP B 61 26.87 9.03 12.74
N TYR B 62 26.58 9.06 11.43
CA TYR B 62 25.26 9.40 10.89
C TYR B 62 24.55 8.12 10.40
N PHE B 63 23.31 7.93 10.85
CA PHE B 63 22.51 6.79 10.42
C PHE B 63 21.75 7.04 9.12
N TYR B 64 21.82 6.09 8.21
CA TYR B 64 21.05 6.06 6.96
C TYR B 64 20.28 4.74 6.85
N TYR B 65 19.11 4.79 6.21
CA TYR B 65 18.30 3.61 5.98
C TYR B 65 18.91 2.86 4.80
N LEU B 66 18.73 1.53 4.81
CA LEU B 66 19.29 0.68 3.78
C LEU B 66 18.74 1.05 2.41
N GLY B 67 19.62 1.17 1.43
CA GLY B 67 19.23 1.62 0.11
C GLY B 67 19.19 3.12 -0.05
N THR B 68 19.60 3.85 0.97
CA THR B 68 19.59 5.30 0.96
C THR B 68 20.97 5.76 1.38
N GLY B 69 21.26 7.03 1.11
CA GLY B 69 22.44 7.68 1.66
C GLY B 69 23.69 7.56 0.79
N PRO B 70 24.84 7.95 1.37
CA PRO B 70 26.11 7.87 0.63
C PRO B 70 26.45 6.48 0.15
N GLU B 71 26.11 5.48 0.95
CA GLU B 71 26.35 4.08 0.62
C GLU B 71 25.02 3.42 0.31
N ALA B 72 24.22 4.08 -0.52
CA ALA B 72 22.96 3.47 -0.95
C ALA B 72 23.22 2.19 -1.73
N GLY B 73 24.27 2.18 -2.54
CA GLY B 73 24.59 1.01 -3.34
C GLY B 73 24.94 -0.22 -2.51
N LEU B 74 25.51 0.00 -1.33
CA LEU B 74 25.97 -1.09 -0.48
C LEU B 74 24.84 -2.05 -0.10
N PRO B 75 24.99 -3.35 -0.31
CA PRO B 75 24.05 -4.30 0.26
C PRO B 75 24.38 -4.59 1.71
N TYR B 76 23.34 -4.84 2.48
CA TYR B 76 23.50 -5.06 3.90
C TYR B 76 24.61 -6.07 4.16
N GLY B 77 25.51 -5.71 5.08
CA GLY B 77 26.62 -6.54 5.50
C GLY B 77 27.94 -6.22 4.83
N ALA B 78 27.93 -5.51 3.71
CA ALA B 78 29.18 -5.27 2.99
C ALA B 78 30.25 -4.67 3.90
N ASN B 79 31.50 -5.09 3.68
CA ASN B 79 32.63 -4.63 4.48
C ASN B 79 33.18 -3.36 3.81
N LYS B 80 33.03 -2.21 4.48
CA LYS B 80 33.74 -0.97 4.14
C LYS B 80 34.11 -0.23 5.41
N ASP B 81 35.29 0.39 5.44
CA ASP B 81 35.73 1.05 6.66
C ASP B 81 34.81 2.23 6.98
N GLY B 82 34.37 2.32 8.23
CA GLY B 82 33.50 3.41 8.63
C GLY B 82 32.02 3.20 8.38
N ILE B 83 31.64 2.05 7.80
CA ILE B 83 30.26 1.60 7.64
C ILE B 83 30.10 0.48 8.64
N ILE B 84 29.13 0.62 9.53
CA ILE B 84 28.65 -0.46 10.38
C ILE B 84 27.16 -0.64 10.09
N TRP B 85 26.66 -1.84 10.36
CA TRP B 85 25.32 -2.26 9.95
C TRP B 85 24.49 -2.59 11.18
N VAL B 86 23.25 -2.07 11.19
CA VAL B 86 22.30 -2.32 12.26
C VAL B 86 20.99 -2.76 11.64
N ALA B 87 20.20 -3.50 12.40
CA ALA B 87 18.83 -3.81 12.03
C ALA B 87 18.10 -4.18 13.31
N THR B 88 16.79 -4.02 13.29
CA THR B 88 15.94 -4.46 14.36
C THR B 88 15.27 -5.75 13.91
N GLU B 89 15.02 -6.68 14.84
CA GLU B 89 14.26 -7.86 14.48
C GLU B 89 12.99 -7.44 13.72
N GLY B 90 12.75 -8.13 12.58
CA GLY B 90 11.62 -7.91 11.73
C GLY B 90 11.93 -7.14 10.47
N ALA B 91 13.08 -6.49 10.39
CA ALA B 91 13.33 -5.71 9.17
C ALA B 91 13.46 -6.64 7.96
N LEU B 92 13.22 -6.13 6.78
CA LEU B 92 13.34 -6.89 5.55
C LEU B 92 14.52 -6.30 4.80
N ASN B 93 15.24 -7.14 4.05
CA ASN B 93 16.47 -6.69 3.40
C ASN B 93 16.14 -6.21 1.99
N THR B 94 15.40 -5.12 1.92
CA THR B 94 14.95 -4.44 0.73
C THR B 94 15.31 -2.97 0.79
N PRO B 95 15.51 -2.31 -0.35
CA PRO B 95 15.79 -0.88 -0.33
C PRO B 95 14.60 -0.14 0.26
N LYS B 96 14.89 0.82 1.15
CA LYS B 96 13.86 1.65 1.79
C LYS B 96 13.70 2.97 1.01
N ASP B 97 13.24 2.84 -0.26
CA ASP B 97 13.19 3.96 -1.19
C ASP B 97 12.27 5.07 -0.68
N HIS B 98 11.16 4.69 -0.05
CA HIS B 98 10.13 5.61 0.43
C HIS B 98 10.63 6.48 1.58
N ILE B 99 11.45 5.95 2.47
CA ILE B 99 12.02 6.79 3.53
C ILE B 99 13.03 7.75 2.93
N GLY B 100 13.95 7.23 2.12
CA GLY B 100 14.81 8.13 1.35
C GLY B 100 15.77 8.90 2.23
N THR B 101 16.16 10.07 1.76
CA THR B 101 17.00 10.97 2.53
C THR B 101 16.28 12.28 2.81
N ARG B 102 16.86 13.00 3.77
CA ARG B 102 16.30 14.24 4.25
C ARG B 102 16.86 15.39 3.46
N ASN B 103 15.98 16.30 3.06
CA ASN B 103 16.41 17.54 2.43
C ASN B 103 16.57 18.58 3.52
N PRO B 104 17.78 19.09 3.79
CA PRO B 104 17.97 20.03 4.90
C PRO B 104 17.12 21.32 4.78
N ALA B 105 16.83 21.77 3.56
CA ALA B 105 16.01 22.97 3.37
C ALA B 105 14.56 22.74 3.76
N ASN B 106 13.96 21.61 3.37
CA ASN B 106 12.55 21.40 3.71
C ASN B 106 12.33 20.74 5.07
N ASN B 107 13.33 20.07 5.63
CA ASN B 107 13.19 19.44 6.93
C ASN B 107 14.45 19.63 7.76
N ALA B 108 14.36 19.33 9.05
CA ALA B 108 15.50 19.34 9.98
C ALA B 108 15.61 17.93 10.55
N ALA B 109 16.76 17.63 11.14
CA ALA B 109 17.04 16.29 11.62
C ALA B 109 16.24 15.94 12.88
N ILE B 110 15.94 14.66 13.03
CA ILE B 110 15.26 14.12 14.21
C ILE B 110 16.35 13.78 15.23
N VAL B 111 16.15 14.22 16.48
CA VAL B 111 17.09 13.81 17.52
C VAL B 111 17.14 12.29 17.56
N LEU B 112 18.33 11.72 17.32
CA LEU B 112 18.46 10.26 17.28
C LEU B 112 18.09 9.69 18.65
N GLN B 113 17.24 8.66 18.65
CA GLN B 113 16.84 8.01 19.89
C GLN B 113 17.01 6.52 19.73
N LEU B 114 17.44 5.84 20.80
CA LEU B 114 17.60 4.40 20.87
C LEU B 114 16.76 3.79 22.00
N PRO B 115 16.27 2.57 21.86
CA PRO B 115 15.46 2.00 22.94
C PRO B 115 16.24 1.87 24.24
N GLN B 116 15.51 1.95 25.35
CA GLN B 116 16.14 1.72 26.64
C GLN B 116 16.76 0.32 26.74
N GLY B 117 18.02 0.23 27.23
CA GLY B 117 18.78 -1.01 27.33
C GLY B 117 19.70 -1.34 26.16
N THR B 118 19.78 -0.45 25.18
CA THR B 118 20.72 -0.56 24.07
C THR B 118 22.15 -0.47 24.59
N THR B 119 22.99 -1.37 24.09
CA THR B 119 24.38 -1.48 24.50
C THR B 119 25.28 -0.70 23.54
N LEU B 120 25.96 0.28 24.09
CA LEU B 120 26.83 1.14 23.32
C LEU B 120 28.27 0.86 23.67
N PRO B 121 29.21 1.10 22.76
CA PRO B 121 30.62 0.96 23.12
C PRO B 121 31.01 2.04 24.13
N LYS B 122 32.17 1.82 24.80
CA LYS B 122 32.66 2.82 25.74
C LYS B 122 33.05 4.11 25.02
N GLY B 123 32.55 5.24 25.53
CA GLY B 123 32.72 6.49 24.84
C GLY B 123 31.53 6.90 23.97
N PHE B 124 30.48 6.10 23.95
CA PHE B 124 29.23 6.45 23.29
C PHE B 124 28.24 6.60 24.44
N TYR B 125 27.49 7.68 24.43
CA TYR B 125 26.45 7.80 25.44
C TYR B 125 25.19 8.37 24.81
N ALA B 126 24.04 7.77 25.17
CA ALA B 126 22.72 8.26 24.78
C ALA B 126 21.84 8.49 26.02
N GLU B 127 21.58 9.76 26.36
CA GLU B 127 20.82 10.11 27.55
C GLU B 127 19.36 9.63 27.52
N ALA C 1 16.65 3.59 -21.30
CA ALA C 1 16.25 3.42 -19.92
C ALA C 1 14.84 2.81 -19.83
N THR C 2 14.48 2.00 -20.83
CA THR C 2 13.21 1.29 -20.85
C THR C 2 13.39 0.00 -21.62
N ALA C 3 12.86 -1.10 -21.08
CA ALA C 3 12.94 -2.41 -21.73
C ALA C 3 11.93 -3.35 -21.10
N SER C 4 11.65 -4.45 -21.81
CA SER C 4 10.85 -5.54 -21.24
C SER C 4 11.59 -6.16 -20.04
N TRP C 5 10.83 -6.44 -18.97
CA TRP C 5 11.39 -7.07 -17.80
C TRP C 5 11.87 -8.47 -18.13
N PHE C 6 11.48 -9.01 -19.29
CA PHE C 6 11.82 -10.39 -19.57
C PHE C 6 12.49 -10.57 -20.93
N THR C 7 12.97 -11.78 -21.13
CA THR C 7 13.52 -12.19 -22.42
C THR C 7 12.37 -12.52 -23.33
N ALA C 8 12.61 -12.43 -24.64
CA ALA C 8 11.56 -12.60 -25.64
C ALA C 8 11.29 -14.08 -25.92
N LEU C 9 10.13 -14.35 -26.55
CA LEU C 9 9.80 -15.66 -27.09
C LEU C 9 10.08 -15.63 -28.60
N THR C 10 11.07 -16.40 -29.05
CA THR C 10 11.42 -16.39 -30.48
C THR C 10 10.45 -17.26 -31.25
N GLN C 11 9.93 -16.71 -32.34
CA GLN C 11 9.03 -17.41 -33.23
C GLN C 11 9.83 -18.20 -34.27
N HIS C 12 9.80 -19.52 -34.14
CA HIS C 12 10.47 -20.36 -35.10
C HIS C 12 9.55 -20.80 -36.25
N GLY C 13 8.25 -20.55 -36.16
CA GLY C 13 7.31 -21.06 -37.13
C GLY C 13 6.66 -19.96 -37.95
N LYS C 14 5.66 -20.39 -38.73
CA LYS C 14 4.85 -19.46 -39.50
C LYS C 14 3.81 -18.76 -38.64
N GLU C 15 3.29 -19.43 -37.61
CA GLU C 15 2.26 -18.83 -36.78
C GLU C 15 2.83 -17.78 -35.84
N ASP C 16 2.12 -16.65 -35.73
CA ASP C 16 2.46 -15.60 -34.78
C ASP C 16 2.00 -15.99 -33.38
N LEU C 17 2.47 -15.22 -32.41
CA LEU C 17 2.18 -15.47 -31.00
C LEU C 17 0.73 -15.12 -30.65
N LYS C 18 0.09 -16.03 -29.91
CA LYS C 18 -1.24 -15.88 -29.36
C LYS C 18 -1.34 -16.82 -28.17
N PHE C 19 -2.25 -16.52 -27.25
CA PHE C 19 -2.46 -17.40 -26.12
C PHE C 19 -3.96 -17.52 -25.85
N PRO C 20 -4.42 -18.68 -25.36
CA PRO C 20 -5.80 -18.74 -24.84
C PRO C 20 -6.01 -17.74 -23.70
N ARG C 21 -7.27 -17.39 -23.47
CA ARG C 21 -7.55 -16.46 -22.38
C ARG C 21 -7.13 -17.05 -21.04
N GLY C 22 -6.39 -16.26 -20.28
CA GLY C 22 -5.89 -16.64 -18.99
C GLY C 22 -4.45 -17.10 -18.96
N GLN C 23 -3.82 -17.18 -20.14
CA GLN C 23 -2.49 -17.73 -20.32
C GLN C 23 -1.58 -16.76 -21.04
N GLY C 24 -0.26 -16.99 -20.92
CA GLY C 24 0.75 -16.25 -21.65
C GLY C 24 1.43 -15.10 -20.93
N VAL C 25 1.16 -14.86 -19.64
CA VAL C 25 1.78 -13.80 -18.83
C VAL C 25 3.02 -14.38 -18.16
N PRO C 26 4.19 -13.74 -18.29
CA PRO C 26 5.41 -14.27 -17.66
C PRO C 26 5.35 -14.38 -16.15
N ILE C 27 6.00 -15.40 -15.63
CA ILE C 27 6.11 -15.56 -14.20
C ILE C 27 7.11 -14.55 -13.66
N ASN C 28 6.66 -13.74 -12.70
CA ASN C 28 7.48 -12.77 -11.96
C ASN C 28 7.04 -12.83 -10.51
N THR C 29 7.88 -13.36 -9.62
CA THR C 29 7.42 -13.58 -8.27
C THR C 29 7.37 -12.29 -7.45
N ASN C 30 7.95 -11.18 -7.96
CA ASN C 30 7.86 -9.87 -7.31
C ASN C 30 6.71 -9.04 -7.84
N SER C 31 5.61 -9.68 -8.21
CA SER C 31 4.40 -9.04 -8.66
C SER C 31 3.24 -9.88 -8.12
N SER C 32 2.06 -9.29 -8.15
CA SER C 32 0.89 -9.82 -7.51
C SER C 32 -0.07 -10.32 -8.53
N PRO C 33 -1.11 -11.01 -8.07
CA PRO C 33 -2.23 -11.37 -8.96
C PRO C 33 -2.89 -10.18 -9.64
N ASP C 34 -3.00 -9.04 -8.99
CA ASP C 34 -3.59 -7.87 -9.65
C ASP C 34 -2.77 -7.41 -10.87
N ASP C 35 -1.47 -7.70 -10.87
CA ASP C 35 -0.52 -7.12 -11.83
C ASP C 35 -0.40 -7.96 -13.10
N GLN C 36 -1.05 -9.11 -13.16
CA GLN C 36 -0.81 -10.13 -14.17
C GLN C 36 -1.55 -9.83 -15.49
N ILE C 37 -1.12 -8.78 -16.17
CA ILE C 37 -1.83 -8.31 -17.34
C ILE C 37 -0.90 -7.43 -18.17
N GLY C 38 -1.02 -7.57 -19.48
CA GLY C 38 -0.18 -6.85 -20.42
C GLY C 38 -0.23 -7.47 -21.79
N TYR C 39 0.81 -7.16 -22.56
CA TYR C 39 0.91 -7.52 -23.96
C TYR C 39 2.32 -7.93 -24.34
N TYR C 40 2.44 -8.62 -25.48
CA TYR C 40 3.72 -8.86 -26.14
C TYR C 40 3.82 -7.99 -27.41
N ARG C 41 5.00 -7.41 -27.64
CA ARG C 41 5.30 -6.64 -28.86
C ARG C 41 6.36 -7.39 -29.68
N ARG C 42 6.01 -7.74 -30.92
CA ARG C 42 6.97 -8.35 -31.86
C ARG C 42 8.05 -7.35 -32.29
N ALA C 43 9.31 -7.81 -32.31
CA ALA C 43 10.47 -7.04 -32.78
C ALA C 43 11.32 -7.88 -33.75
N THR C 44 11.58 -7.38 -34.96
CA THR C 44 12.34 -8.15 -35.94
C THR C 44 13.30 -7.30 -36.74
N ARG C 45 14.48 -7.84 -37.06
CA ARG C 45 15.44 -7.11 -37.88
C ARG C 45 15.40 -7.66 -39.29
N SER C 58 14.68 -14.34 -36.98
CA SER C 58 13.35 -14.71 -36.48
C SER C 58 12.74 -13.67 -35.52
N PRO C 59 11.42 -13.52 -35.57
CA PRO C 59 10.78 -12.52 -34.70
C PRO C 59 10.94 -12.83 -33.23
N ARG C 60 11.03 -11.77 -32.44
CA ARG C 60 11.15 -11.85 -30.99
C ARG C 60 9.99 -11.07 -30.37
N TRP C 61 9.23 -11.74 -29.52
CA TRP C 61 8.07 -11.15 -28.84
C TRP C 61 8.46 -10.83 -27.40
N TYR C 62 8.41 -9.54 -27.05
CA TYR C 62 8.74 -9.04 -25.72
C TYR C 62 7.46 -8.64 -24.97
N PHE C 63 7.34 -9.12 -23.73
CA PHE C 63 6.23 -8.77 -22.85
C PHE C 63 6.50 -7.50 -22.02
N TYR C 64 5.53 -6.62 -21.96
CA TYR C 64 5.52 -5.40 -21.17
C TYR C 64 4.24 -5.43 -20.34
N TYR C 65 4.28 -4.88 -19.13
CA TYR C 65 3.12 -4.80 -18.24
C TYR C 65 2.22 -3.72 -18.80
N LEU C 66 0.89 -3.86 -18.57
CA LEU C 66 -0.12 -2.93 -19.06
C LEU C 66 0.05 -1.54 -18.46
N GLY C 67 0.08 -0.52 -19.31
CA GLY C 67 0.43 0.81 -18.83
C GLY C 67 1.91 1.13 -18.85
N THR C 68 2.71 0.25 -19.48
CA THR C 68 4.16 0.36 -19.61
C THR C 68 4.58 0.00 -21.04
N GLY C 69 5.80 0.38 -21.38
CA GLY C 69 6.42 -0.12 -22.59
C GLY C 69 6.18 0.75 -23.80
N PRO C 70 6.52 0.21 -24.99
CA PRO C 70 6.27 0.97 -26.24
C PRO C 70 4.81 1.33 -26.48
N GLU C 71 3.91 0.42 -26.14
CA GLU C 71 2.47 0.57 -26.27
C GLU C 71 1.84 0.75 -24.90
N ALA C 72 2.46 1.60 -24.09
CA ALA C 72 1.92 1.91 -22.76
C ALA C 72 0.57 2.57 -22.82
N GLY C 73 0.37 3.45 -23.82
CA GLY C 73 -0.89 4.15 -23.99
C GLY C 73 -2.08 3.28 -24.34
N LEU C 74 -1.82 2.19 -25.06
CA LEU C 74 -2.85 1.28 -25.50
C LEU C 74 -3.61 0.70 -24.30
N PRO C 75 -4.95 0.74 -24.31
CA PRO C 75 -5.71 0.04 -23.27
C PRO C 75 -5.86 -1.43 -23.61
N TYR C 76 -5.92 -2.25 -22.57
CA TYR C 76 -5.97 -3.69 -22.80
C TYR C 76 -7.01 -4.02 -23.88
N GLY C 77 -6.62 -4.82 -24.87
CA GLY C 77 -7.50 -5.35 -25.92
C GLY C 77 -7.38 -4.69 -27.28
N ALA C 78 -6.81 -3.49 -27.36
CA ALA C 78 -6.74 -2.73 -28.60
C ALA C 78 -6.16 -3.57 -29.74
N ASN C 79 -6.62 -3.29 -30.95
CA ASN C 79 -6.09 -3.94 -32.14
C ASN C 79 -4.96 -3.02 -32.61
N LYS C 80 -3.71 -3.51 -32.54
CA LYS C 80 -2.56 -2.91 -33.21
C LYS C 80 -1.66 -4.04 -33.69
N ASP C 81 -1.08 -3.87 -34.87
CA ASP C 81 -0.28 -4.92 -35.51
C ASP C 81 0.92 -5.27 -34.63
N GLY C 82 1.10 -6.57 -34.39
CA GLY C 82 2.23 -7.02 -33.58
C GLY C 82 2.06 -6.96 -32.08
N ILE C 83 0.92 -6.50 -31.57
CA ILE C 83 0.65 -6.45 -30.15
C ILE C 83 -0.36 -7.54 -29.84
N ILE C 84 -0.01 -8.52 -29.05
CA ILE C 84 -1.00 -9.49 -28.63
C ILE C 84 -1.17 -9.28 -27.13
N TRP C 85 -2.36 -9.63 -26.61
CA TRP C 85 -2.75 -9.29 -25.25
C TRP C 85 -2.97 -10.61 -24.54
N VAL C 86 -2.36 -10.71 -23.32
CA VAL C 86 -2.40 -11.83 -22.41
C VAL C 86 -2.79 -11.26 -21.05
N ALA C 87 -3.39 -12.11 -20.24
CA ALA C 87 -3.76 -11.75 -18.87
C ALA C 87 -3.91 -13.05 -18.09
N THR C 88 -3.72 -12.98 -16.78
CA THR C 88 -3.93 -14.13 -15.92
C THR C 88 -5.20 -13.93 -15.10
N GLU C 89 -5.92 -15.03 -14.85
CA GLU C 89 -7.11 -14.97 -14.01
C GLU C 89 -6.72 -14.26 -12.72
N GLY C 90 -7.53 -13.25 -12.39
CA GLY C 90 -7.35 -12.38 -11.25
C GLY C 90 -6.76 -11.02 -11.56
N ALA C 91 -6.17 -10.80 -12.72
CA ALA C 91 -5.62 -9.48 -12.98
C ALA C 91 -6.76 -8.42 -13.02
N LEU C 92 -6.38 -7.19 -12.71
CA LEU C 92 -7.25 -6.04 -12.75
C LEU C 92 -6.80 -5.14 -13.90
N ASN C 93 -7.77 -4.40 -14.51
CA ASN C 93 -7.46 -3.60 -15.71
C ASN C 93 -7.10 -2.16 -15.33
N THR C 94 -5.99 -2.04 -14.62
CA THR C 94 -5.42 -0.77 -14.22
C THR C 94 -3.98 -0.66 -14.69
N PRO C 95 -3.51 0.56 -14.94
CA PRO C 95 -2.12 0.73 -15.35
C PRO C 95 -1.17 0.25 -14.24
N LYS C 96 -0.15 -0.51 -14.64
CA LYS C 96 0.82 -1.08 -13.70
C LYS C 96 2.07 -0.20 -13.61
N ASP C 97 1.86 1.06 -13.21
CA ASP C 97 2.95 2.02 -13.24
C ASP C 97 4.06 1.64 -12.27
N HIS C 98 3.71 1.01 -11.15
CA HIS C 98 4.69 0.68 -10.13
C HIS C 98 5.74 -0.32 -10.65
N ILE C 99 5.36 -1.30 -11.47
CA ILE C 99 6.35 -2.20 -12.08
C ILE C 99 7.18 -1.47 -13.13
N GLY C 100 6.54 -0.72 -14.04
CA GLY C 100 7.32 0.10 -14.95
C GLY C 100 8.06 -0.69 -16.01
N THR C 101 9.19 -0.14 -16.44
CA THR C 101 10.04 -0.78 -17.42
C THR C 101 11.40 -1.06 -16.78
N ARG C 102 12.19 -1.88 -17.46
CA ARG C 102 13.51 -2.31 -16.97
C ARG C 102 14.57 -1.37 -17.51
N ASN C 103 15.48 -0.94 -16.66
CA ASN C 103 16.64 -0.15 -17.08
C ASN C 103 17.80 -1.09 -17.39
N PRO C 104 18.36 -1.09 -18.60
CA PRO C 104 19.40 -2.09 -18.92
C PRO C 104 20.70 -2.01 -18.10
N ALA C 105 21.17 -0.81 -17.77
CA ALA C 105 22.37 -0.67 -16.97
C ALA C 105 22.15 -1.12 -15.55
N ASN C 106 20.98 -0.79 -14.99
CA ASN C 106 20.71 -1.05 -13.58
C ASN C 106 20.22 -2.47 -13.31
N ASN C 107 19.47 -3.05 -14.23
CA ASN C 107 18.90 -4.38 -14.07
C ASN C 107 19.12 -5.23 -15.32
N ALA C 108 18.99 -6.54 -15.15
CA ALA C 108 19.10 -7.48 -16.25
C ALA C 108 17.78 -8.21 -16.50
N ALA C 109 17.65 -8.79 -17.68
CA ALA C 109 16.37 -9.41 -18.04
C ALA C 109 16.19 -10.78 -17.40
N ILE C 110 14.96 -11.06 -17.01
CA ILE C 110 14.55 -12.31 -16.41
C ILE C 110 14.17 -13.28 -17.53
N VAL C 111 14.66 -14.52 -17.42
CA VAL C 111 14.26 -15.56 -18.37
C VAL C 111 12.76 -15.80 -18.24
N LEU C 112 12.03 -15.55 -19.35
CA LEU C 112 10.60 -15.66 -19.39
C LEU C 112 10.17 -17.07 -19.03
N GLN C 113 9.18 -17.14 -18.15
CA GLN C 113 8.69 -18.42 -17.68
C GLN C 113 7.18 -18.45 -17.79
N LEU C 114 6.65 -19.58 -18.21
CA LEU C 114 5.23 -19.80 -18.29
C LEU C 114 4.85 -20.97 -17.41
N PRO C 115 3.67 -20.95 -16.78
CA PRO C 115 3.27 -22.11 -15.96
C PRO C 115 3.21 -23.38 -16.81
N GLN C 116 3.46 -24.52 -16.15
CA GLN C 116 3.42 -25.81 -16.83
C GLN C 116 2.03 -26.04 -17.41
N GLY C 117 1.99 -26.46 -18.69
CA GLY C 117 0.75 -26.66 -19.43
C GLY C 117 0.28 -25.49 -20.29
N THR C 118 1.04 -24.40 -20.33
CA THR C 118 0.69 -23.31 -21.24
C THR C 118 0.79 -23.77 -22.67
N THR C 119 -0.27 -23.45 -23.43
CA THR C 119 -0.50 -23.84 -24.81
C THR C 119 0.12 -22.79 -25.72
N LEU C 120 1.07 -23.21 -26.50
CA LEU C 120 1.81 -22.31 -27.37
C LEU C 120 1.52 -22.60 -28.84
N PRO C 121 1.56 -21.57 -29.69
CA PRO C 121 1.37 -21.81 -31.12
C PRO C 121 2.50 -22.67 -31.65
N LYS C 122 2.31 -23.18 -32.86
CA LYS C 122 3.37 -23.92 -33.51
C LYS C 122 4.55 -22.99 -33.74
N GLY C 123 5.74 -23.48 -33.38
CA GLY C 123 6.96 -22.74 -33.53
C GLY C 123 7.42 -22.00 -32.30
N PHE C 124 6.68 -22.09 -31.21
CA PHE C 124 7.02 -21.48 -29.93
C PHE C 124 7.31 -22.63 -28.97
N TYR C 125 8.38 -22.50 -28.18
CA TYR C 125 8.70 -23.48 -27.15
C TYR C 125 9.21 -22.76 -25.88
N ALA C 126 8.79 -23.29 -24.73
CA ALA C 126 9.23 -22.79 -23.41
C ALA C 126 9.97 -23.89 -22.64
N GLU C 127 11.22 -23.62 -22.27
CA GLU C 127 12.06 -24.64 -21.64
C GLU C 127 11.38 -25.48 -20.56
N MET D 1 10.06 10.26 3.67
CA MET D 1 8.99 10.47 4.69
C MET D 1 8.83 11.99 4.92
N ALA D 2 8.41 12.42 6.12
CA ALA D 2 8.15 13.83 6.37
C ALA D 2 8.77 14.29 7.69
N GLU D 3 8.88 15.60 7.85
CA GLU D 3 9.24 16.14 9.16
C GLU D 3 8.19 15.78 10.21
N VAL D 4 8.66 15.69 11.46
CA VAL D 4 7.79 15.43 12.60
C VAL D 4 6.88 16.63 12.82
N GLN D 5 5.62 16.36 13.03
CA GLN D 5 4.59 17.36 13.21
C GLN D 5 3.87 17.20 14.55
N LEU D 6 4.24 16.15 15.30
CA LEU D 6 3.72 15.84 16.62
C LEU D 6 4.88 15.46 17.55
N GLN D 7 4.92 16.04 18.74
CA GLN D 7 6.09 15.87 19.57
C GLN D 7 5.68 15.61 21.00
N ALA D 8 6.07 14.49 21.53
CA ALA D 8 5.78 14.14 22.91
C ALA D 8 6.95 14.51 23.80
N SER D 9 6.62 14.76 25.08
CA SER D 9 7.46 15.32 26.14
C SER D 9 6.88 14.91 27.49
N GLY D 10 7.66 15.18 28.55
CA GLY D 10 7.26 14.88 29.90
C GLY D 10 7.64 13.52 30.41
N GLY D 11 8.40 12.74 29.65
CA GLY D 11 8.85 11.45 30.12
C GLY D 11 10.00 11.61 31.08
N GLY D 12 10.12 10.66 31.99
CA GLY D 12 11.30 10.65 32.84
C GLY D 12 11.48 9.31 33.53
N LEU D 13 12.44 9.29 34.47
CA LEU D 13 12.60 8.16 35.38
C LEU D 13 11.77 8.35 36.63
N VAL D 14 10.94 7.37 36.93
CA VAL D 14 10.00 7.43 38.05
C VAL D 14 10.01 6.09 38.75
N GLN D 15 9.46 6.06 39.96
CA GLN D 15 9.40 4.85 40.76
C GLN D 15 7.99 4.28 40.74
N ALA D 16 7.88 3.00 41.05
CA ALA D 16 6.58 2.34 40.94
C ALA D 16 5.54 2.99 41.86
N GLY D 17 4.35 3.20 41.36
CA GLY D 17 3.33 3.88 42.12
C GLY D 17 3.26 5.37 41.90
N ASP D 18 4.30 5.95 41.29
CA ASP D 18 4.33 7.37 41.01
C ASP D 18 3.46 7.64 39.79
N SER D 19 3.06 8.88 39.63
CA SER D 19 2.30 9.35 38.49
C SER D 19 3.14 10.31 37.63
N LEU D 20 2.88 10.31 36.32
CA LEU D 20 3.57 11.16 35.36
C LEU D 20 2.54 11.77 34.40
N ARG D 21 2.89 12.88 33.79
CA ARG D 21 1.99 13.51 32.82
C ARG D 21 2.66 13.86 31.50
N LEU D 22 2.19 13.25 30.41
CA LEU D 22 2.80 13.42 29.11
C LEU D 22 2.00 14.39 28.27
N SER D 23 2.68 15.06 27.35
CA SER D 23 2.03 15.93 26.40
C SER D 23 2.56 15.69 25.00
N CYS D 24 1.66 15.81 24.02
CA CYS D 24 2.00 15.72 22.61
C CYS D 24 1.47 16.95 21.90
N VAL D 25 2.35 17.71 21.28
CA VAL D 25 2.07 19.03 20.73
C VAL D 25 2.19 18.94 19.23
N ALA D 26 1.15 19.40 18.54
CA ALA D 26 1.18 19.55 17.09
C ALA D 26 2.01 20.77 16.79
N VAL D 27 2.91 20.68 15.83
CA VAL D 27 3.70 21.84 15.43
C VAL D 27 3.68 22.12 13.93
N SER D 28 4.19 23.27 13.57
CA SER D 28 4.47 23.56 12.18
C SER D 28 3.18 23.75 11.39
N GLY D 29 2.14 24.26 12.08
CA GLY D 29 0.82 24.47 11.51
C GLY D 29 -0.18 23.34 11.76
N ARG D 30 0.24 22.22 12.25
CA ARG D 30 -0.71 21.14 12.43
C ARG D 30 -1.69 21.45 13.52
N THR D 31 -2.92 21.04 13.30
CA THR D 31 -4.04 21.18 14.22
C THR D 31 -4.55 19.81 14.59
N ILE D 32 -5.01 19.67 15.83
CA ILE D 32 -5.65 18.44 16.29
C ILE D 32 -7.15 18.63 16.40
N SER D 33 -7.63 19.83 16.14
CA SER D 33 -9.04 20.08 16.42
C SER D 33 -9.89 19.39 15.35
N THR D 34 -11.00 18.81 15.83
CA THR D 34 -12.01 18.09 15.07
C THR D 34 -11.43 16.83 14.49
N PHE D 35 -10.29 16.35 15.13
CA PHE D 35 -9.66 15.05 14.83
C PHE D 35 -9.60 14.23 16.10
N ALA D 36 -9.88 12.93 16.02
CA ALA D 36 -9.59 12.02 17.14
C ALA D 36 -8.06 11.93 17.32
N MET D 37 -7.62 11.46 18.46
CA MET D 37 -6.17 11.42 18.72
C MET D 37 -5.83 10.15 19.51
N GLY D 38 -4.58 9.66 19.37
CA GLY D 38 -4.16 8.49 20.12
C GLY D 38 -2.79 8.61 20.78
N TRP D 39 -2.64 7.80 21.84
CA TRP D 39 -1.37 7.52 22.48
C TRP D 39 -1.04 6.05 22.25
N PHE D 40 0.18 5.77 21.78
CA PHE D 40 0.71 4.41 21.61
C PHE D 40 2.04 4.25 22.38
N ARG D 41 2.40 3.00 22.73
CA ARG D 41 3.70 2.80 23.40
C ARG D 41 4.48 1.60 22.88
N GLN D 42 5.83 1.71 22.90
CA GLN D 42 6.75 0.63 22.51
C GLN D 42 7.60 0.23 23.70
N ALA D 43 7.29 -0.90 24.30
CA ALA D 43 8.15 -1.43 25.33
C ALA D 43 9.45 -1.91 24.69
N PRO D 44 10.54 -1.94 25.46
CA PRO D 44 11.83 -2.36 24.89
C PRO D 44 11.75 -3.79 24.36
N GLY D 45 12.15 -3.96 23.11
CA GLY D 45 11.95 -5.24 22.46
C GLY D 45 10.51 -5.67 22.29
N LYS D 46 9.60 -4.74 22.03
CA LYS D 46 8.20 -5.12 21.93
C LYS D 46 7.49 -4.24 20.91
N GLU D 47 6.36 -4.76 20.44
CA GLU D 47 5.64 -4.08 19.39
C GLU D 47 4.88 -2.88 19.92
N ARG D 48 4.55 -2.00 19.00
CA ARG D 48 3.70 -0.85 19.25
C ARG D 48 2.40 -1.35 19.82
N GLU D 49 1.90 -0.63 20.83
CA GLU D 49 0.73 -0.99 21.61
C GLU D 49 -0.23 0.19 21.68
N PHE D 50 -1.51 -0.06 21.42
CA PHE D 50 -2.52 0.94 21.66
C PHE D 50 -2.59 1.16 23.18
N VAL D 51 -2.53 2.44 23.58
CA VAL D 51 -2.68 2.86 24.97
C VAL D 51 -4.02 3.52 25.19
N ALA D 52 -4.31 4.60 24.47
CA ALA D 52 -5.55 5.31 24.68
C ALA D 52 -5.93 6.06 23.42
N THR D 53 -7.26 6.21 23.18
CA THR D 53 -7.77 7.08 22.13
C THR D 53 -8.90 7.93 22.68
N ILE D 54 -8.89 9.18 22.27
CA ILE D 54 -9.88 10.16 22.69
C ILE D 54 -10.54 10.61 21.41
N ASN D 55 -11.86 10.76 21.40
CA ASN D 55 -12.53 11.13 20.16
C ASN D 55 -12.34 12.64 19.87
N TRP D 56 -12.90 13.06 18.71
CA TRP D 56 -12.69 14.42 18.18
C TRP D 56 -13.17 15.53 19.13
N SER D 57 -14.24 15.27 19.87
CA SER D 57 -14.82 16.24 20.77
C SER D 57 -14.30 16.17 22.22
N GLY D 58 -13.73 15.05 22.62
CA GLY D 58 -13.34 14.83 23.96
C GLY D 58 -14.39 14.18 24.82
N SER D 59 -15.58 13.92 24.27
CA SER D 59 -16.63 13.29 25.07
C SER D 59 -16.28 11.89 25.53
N SER D 60 -15.50 11.16 24.74
CA SER D 60 -15.35 9.72 24.83
C SER D 60 -13.89 9.31 24.69
N ALA D 61 -13.55 8.26 25.42
CA ALA D 61 -12.19 7.74 25.44
C ALA D 61 -12.21 6.24 25.65
N ARG D 62 -11.21 5.58 25.11
CA ARG D 62 -10.99 4.14 25.22
C ARG D 62 -9.55 3.95 25.67
N TYR D 63 -9.35 2.96 26.52
CA TYR D 63 -8.05 2.63 27.07
C TYR D 63 -7.76 1.16 26.81
N ALA D 64 -6.47 0.83 26.73
CA ALA D 64 -6.05 -0.57 26.70
C ALA D 64 -6.37 -1.23 28.03
N ASP D 65 -6.49 -2.56 28.00
CA ASP D 65 -6.83 -3.26 29.24
C ASP D 65 -5.80 -3.01 30.32
N PRO D 66 -4.50 -3.14 30.06
CA PRO D 66 -3.52 -2.94 31.14
C PRO D 66 -3.54 -1.54 31.77
N VAL D 67 -3.73 -0.53 30.93
CA VAL D 67 -3.80 0.85 31.31
C VAL D 67 -5.14 1.23 31.91
N GLU D 68 -6.14 0.38 31.75
CA GLU D 68 -7.47 0.76 32.21
C GLU D 68 -7.46 1.13 33.67
N GLY D 69 -8.07 2.27 33.97
CA GLY D 69 -8.29 2.72 35.33
C GLY D 69 -7.17 3.56 35.89
N ARG D 70 -6.03 3.59 35.24
CA ARG D 70 -4.82 4.23 35.73
C ARG D 70 -4.34 5.38 34.88
N PHE D 71 -4.64 5.37 33.59
CA PHE D 71 -4.28 6.44 32.67
C PHE D 71 -5.55 7.22 32.32
N THR D 72 -5.36 8.49 31.97
CA THR D 72 -6.48 9.37 31.57
C THR D 72 -6.05 10.23 30.38
N ILE D 73 -6.78 10.15 29.28
CA ILE D 73 -6.41 10.90 28.09
C ILE D 73 -7.24 12.18 28.02
N SER D 74 -6.62 13.25 27.53
CA SER D 74 -7.21 14.58 27.50
C SER D 74 -6.68 15.34 26.30
N ARG D 75 -7.38 16.41 25.96
CA ARG D 75 -7.07 17.25 24.82
C ARG D 75 -7.36 18.70 25.18
N ASP D 76 -6.58 19.58 24.57
CA ASP D 76 -6.74 21.02 24.62
C ASP D 76 -6.47 21.45 23.19
N ASP D 77 -7.55 21.66 22.40
CA ASP D 77 -7.40 22.02 21.00
C ASP D 77 -6.82 23.41 20.83
N ALA D 78 -7.05 24.32 21.77
CA ALA D 78 -6.55 25.69 21.63
C ALA D 78 -5.03 25.74 21.61
N LYS D 79 -4.36 24.85 22.36
CA LYS D 79 -2.92 24.72 22.42
C LYS D 79 -2.37 23.58 21.57
N ASN D 80 -3.22 22.85 20.88
CA ASN D 80 -2.85 21.74 20.05
C ASN D 80 -2.05 20.69 20.81
N THR D 81 -2.58 20.28 21.94
CA THR D 81 -1.82 19.34 22.72
C THR D 81 -2.76 18.27 23.21
N VAL D 82 -2.30 17.03 23.22
CA VAL D 82 -2.97 15.92 23.86
C VAL D 82 -2.15 15.53 25.09
N TYR D 83 -2.82 14.87 26.05
CA TYR D 83 -2.18 14.60 27.32
C TYR D 83 -2.52 13.19 27.77
N LEU D 84 -1.58 12.55 28.44
CA LEU D 84 -1.77 11.21 29.02
C LEU D 84 -1.31 11.28 30.48
N GLU D 85 -2.27 11.24 31.38
CA GLU D 85 -2.03 11.33 32.82
C GLU D 85 -1.87 9.89 33.32
N MET D 86 -0.69 9.53 33.78
CA MET D 86 -0.38 8.17 34.21
C MET D 86 -0.29 8.12 35.73
N SER D 87 -0.90 7.08 36.33
CA SER D 87 -0.92 6.93 37.78
C SER D 87 -0.66 5.49 38.22
N SER D 88 -0.16 5.36 39.48
CA SER D 88 0.19 4.08 40.09
C SER D 88 0.97 3.25 39.07
N LEU D 89 2.01 3.88 38.54
CA LEU D 89 2.79 3.31 37.47
C LEU D 89 3.50 2.04 37.92
N LYS D 90 3.70 1.14 36.94
CA LYS D 90 4.26 -0.18 37.12
C LYS D 90 5.51 -0.28 36.28
N PRO D 91 6.46 -1.15 36.64
CA PRO D 91 7.64 -1.30 35.78
C PRO D 91 7.30 -1.66 34.34
N GLY D 92 6.24 -2.46 34.12
CA GLY D 92 5.85 -2.82 32.76
C GLY D 92 5.34 -1.67 31.90
N ASP D 93 4.84 -0.60 32.51
CA ASP D 93 4.49 0.64 31.80
C ASP D 93 5.72 1.38 31.25
N SER D 94 6.91 0.82 31.51
CA SER D 94 8.17 1.35 31.01
C SER D 94 8.22 1.19 29.49
N ALA D 95 8.41 2.31 28.79
CA ALA D 95 8.33 2.34 27.34
C ALA D 95 8.55 3.71 26.68
N VAL D 96 8.48 3.76 25.35
CA VAL D 96 8.48 5.01 24.59
C VAL D 96 7.05 5.31 24.22
N TYR D 97 6.57 6.52 24.56
CA TYR D 97 5.20 6.95 24.39
C TYR D 97 5.16 8.03 23.32
N TYR D 98 4.21 7.92 22.41
CA TYR D 98 4.08 8.92 21.35
C TYR D 98 2.62 8.99 21.05
N CYS D 99 2.19 10.12 20.52
CA CYS D 99 0.80 10.25 20.07
C CYS D 99 0.69 10.18 18.54
N ALA D 100 -0.52 9.99 18.08
CA ALA D 100 -0.83 10.03 16.66
C ALA D 100 -2.18 10.72 16.38
N SER D 101 -2.21 11.41 15.26
CA SER D 101 -3.42 12.04 14.79
C SER D 101 -4.38 10.99 14.27
N GLY D 102 -5.60 11.02 14.75
CA GLY D 102 -6.61 10.05 14.42
C GLY D 102 -7.48 10.53 13.28
N ARG D 103 -8.65 9.95 13.19
CA ARG D 103 -9.49 10.20 12.04
C ARG D 103 -10.40 11.40 12.29
N TYR D 104 -10.73 12.10 11.18
CA TYR D 104 -11.64 13.26 11.21
C TYR D 104 -12.96 12.84 11.81
N LEU D 105 -13.33 13.53 12.91
CA LEU D 105 -14.65 13.41 13.54
C LEU D 105 -14.91 11.99 14.03
N GLY D 106 -13.85 11.28 14.46
CA GLY D 106 -13.94 9.89 14.86
C GLY D 106 -13.88 9.68 16.34
N GLY D 107 -13.99 8.41 16.78
CA GLY D 107 -13.52 8.02 18.11
C GLY D 107 -13.78 6.56 18.42
N ILE D 108 -13.10 6.09 19.45
CA ILE D 108 -13.46 4.90 20.22
C ILE D 108 -13.43 3.56 19.49
N THR D 109 -14.33 3.44 18.52
CA THR D 109 -14.44 2.26 17.67
C THR D 109 -13.22 2.10 16.80
N SER D 110 -12.53 3.18 16.52
CA SER D 110 -11.33 3.19 15.71
C SER D 110 -10.15 3.29 16.64
N TYR D 111 -9.61 2.16 17.08
CA TYR D 111 -8.44 2.18 17.95
C TYR D 111 -7.29 1.40 17.32
N SER D 112 -7.40 1.05 16.04
CA SER D 112 -6.34 0.34 15.34
C SER D 112 -5.25 1.28 14.87
N GLN D 113 -4.08 0.71 14.59
CA GLN D 113 -2.94 1.53 14.20
C GLN D 113 -3.16 2.21 12.84
N GLY D 114 -3.87 1.53 11.95
CA GLY D 114 -4.23 2.11 10.68
C GLY D 114 -5.24 3.25 10.78
N ASP D 115 -5.81 3.45 11.97
CA ASP D 115 -6.73 4.55 12.21
C ASP D 115 -6.03 5.83 12.62
N PHE D 116 -4.71 5.89 12.57
CA PHE D 116 -3.97 7.07 12.98
C PHE D 116 -2.85 7.40 12.01
N ALA D 117 -2.58 8.65 11.88
CA ALA D 117 -1.48 9.13 11.05
C ALA D 117 -1.62 10.66 10.99
N PRO D 118 -0.52 11.38 11.02
CA PRO D 118 0.87 10.93 11.22
C PRO D 118 1.13 10.51 12.68
N TRP D 119 2.40 10.17 12.93
CA TRP D 119 2.85 9.64 14.20
C TRP D 119 3.88 10.62 14.75
N GLY D 120 3.89 10.73 16.08
CA GLY D 120 4.76 11.67 16.76
C GLY D 120 6.09 11.08 17.23
N GLN D 121 7.07 11.95 17.43
CA GLN D 121 8.29 11.57 18.10
C GLN D 121 7.96 11.32 19.58
N GLY D 122 8.53 10.26 20.15
CA GLY D 122 8.18 9.83 21.49
C GLY D 122 9.11 10.36 22.62
N THR D 123 8.69 10.07 23.85
CA THR D 123 9.38 10.44 25.09
C THR D 123 9.49 9.19 25.97
N GLN D 124 10.67 8.92 26.50
CA GLN D 124 10.91 7.67 27.23
C GLN D 124 10.44 7.80 28.67
N VAL D 125 9.72 6.79 29.12
CA VAL D 125 9.22 6.67 30.48
C VAL D 125 9.83 5.41 31.08
N THR D 126 10.54 5.55 32.19
CA THR D 126 11.13 4.41 32.87
C THR D 126 10.61 4.30 34.30
N VAL D 127 10.15 3.10 34.69
CA VAL D 127 9.63 2.83 36.03
C VAL D 127 10.45 1.75 36.76
N SER D 128 11.00 2.09 37.92
CA SER D 128 11.74 1.15 38.74
C SER D 128 10.84 0.54 39.83
N SER D 129 11.14 -0.70 40.19
CA SER D 129 10.43 -1.40 41.28
C SER D 129 10.96 -1.06 42.68
N MET E 1 9.80 -2.26 -10.07
CA MET E 1 10.39 -3.62 -9.87
C MET E 1 11.88 -3.56 -9.51
N ALA E 2 12.50 -4.74 -9.38
CA ALA E 2 13.94 -4.86 -9.10
C ALA E 2 14.54 -6.07 -9.80
N GLU E 3 15.86 -6.04 -10.05
CA GLU E 3 16.59 -7.22 -10.57
C GLU E 3 16.48 -8.39 -9.61
N VAL E 4 16.53 -9.59 -10.16
CA VAL E 4 16.47 -10.79 -9.34
C VAL E 4 17.69 -10.88 -8.43
N GLN E 5 17.42 -11.19 -7.18
CA GLN E 5 18.43 -11.24 -6.15
C GLN E 5 18.56 -12.61 -5.48
N LEU E 6 17.67 -13.53 -5.79
CA LEU E 6 17.60 -14.89 -5.30
C LEU E 6 17.21 -15.76 -6.50
N GLN E 7 17.89 -16.91 -6.63
CA GLN E 7 17.71 -17.79 -7.79
C GLN E 7 17.59 -19.25 -7.39
N ALA E 8 16.48 -19.87 -7.73
CA ALA E 8 16.22 -21.27 -7.40
C ALA E 8 16.68 -22.14 -8.55
N SER E 9 17.03 -23.37 -8.22
CA SER E 9 17.68 -24.30 -9.12
C SER E 9 17.33 -25.68 -8.61
N GLY E 10 17.68 -26.68 -9.41
CA GLY E 10 17.53 -28.07 -9.06
C GLY E 10 16.21 -28.64 -9.42
N GLY E 11 15.35 -27.89 -10.10
CA GLY E 11 14.08 -28.42 -10.48
C GLY E 11 14.18 -29.27 -11.72
N GLY E 12 13.28 -30.24 -11.80
CA GLY E 12 13.18 -30.99 -13.04
C GLY E 12 11.89 -31.78 -13.12
N LEU E 13 11.82 -32.63 -14.14
CA LEU E 13 10.75 -33.61 -14.26
C LEU E 13 11.14 -34.87 -13.51
N VAL E 14 10.30 -35.30 -12.58
CA VAL E 14 10.58 -36.47 -11.75
C VAL E 14 9.31 -37.31 -11.62
N GLN E 15 9.47 -38.52 -11.16
CA GLN E 15 8.36 -39.45 -11.06
C GLN E 15 7.91 -39.54 -9.61
N ALA E 16 6.65 -39.94 -9.44
CA ALA E 16 6.11 -39.96 -8.09
C ALA E 16 6.92 -40.91 -7.23
N GLY E 17 7.18 -40.48 -5.99
CA GLY E 17 7.99 -41.21 -5.04
C GLY E 17 9.44 -40.81 -4.99
N ASP E 18 9.94 -40.11 -5.99
CA ASP E 18 11.33 -39.70 -6.00
C ASP E 18 11.52 -38.52 -5.07
N SER E 19 12.78 -38.27 -4.73
CA SER E 19 13.21 -37.14 -3.93
C SER E 19 13.97 -36.19 -4.86
N LEU E 20 13.89 -34.88 -4.61
CA LEU E 20 14.53 -33.85 -5.42
C LEU E 20 15.14 -32.88 -4.44
N ARG E 21 16.14 -32.12 -4.86
CA ARG E 21 16.72 -31.11 -3.96
C ARG E 21 16.87 -29.74 -4.60
N LEU E 22 16.19 -28.74 -4.03
CA LEU E 22 16.17 -27.39 -4.59
C LEU E 22 17.21 -26.54 -3.86
N SER E 23 17.77 -25.57 -4.56
CA SER E 23 18.74 -24.70 -3.97
C SER E 23 18.43 -23.30 -4.47
N CYS E 24 18.54 -22.31 -3.57
CA CYS E 24 18.27 -20.91 -3.88
C CYS E 24 19.43 -20.05 -3.38
N VAL E 25 20.04 -19.33 -4.27
CA VAL E 25 21.28 -18.64 -4.08
C VAL E 25 21.02 -17.14 -4.10
N ALA E 26 21.43 -16.47 -3.02
CA ALA E 26 21.45 -15.02 -2.96
C ALA E 26 22.59 -14.51 -3.86
N VAL E 27 22.33 -13.44 -4.62
CA VAL E 27 23.35 -12.91 -5.53
C VAL E 27 23.56 -11.39 -5.37
N SER E 28 24.58 -10.90 -6.04
CA SER E 28 24.77 -9.48 -6.26
C SER E 28 25.10 -8.75 -4.96
N GLY E 29 25.75 -9.45 -4.02
CA GLY E 29 26.08 -8.92 -2.70
C GLY E 29 25.09 -9.31 -1.63
N ARG E 30 23.98 -9.92 -1.98
CA ARG E 30 22.94 -10.20 -1.03
C ARG E 30 23.40 -11.27 -0.10
N THR E 31 23.08 -11.09 1.18
CA THR E 31 23.40 -12.00 2.26
C THR E 31 22.07 -12.55 2.78
N ILE E 32 22.08 -13.82 3.18
CA ILE E 32 20.98 -14.41 3.87
C ILE E 32 21.27 -14.49 5.35
N SER E 33 22.44 -14.05 5.78
CA SER E 33 22.82 -14.34 7.17
C SER E 33 22.07 -13.41 8.14
N THR E 34 21.58 -14.00 9.23
CA THR E 34 20.81 -13.33 10.29
C THR E 34 19.44 -12.87 9.77
N PHE E 35 18.98 -13.54 8.67
CA PHE E 35 17.61 -13.37 8.19
C PHE E 35 16.93 -14.72 8.11
N ALA E 36 15.67 -14.82 8.52
CA ALA E 36 14.95 -16.05 8.18
C ALA E 36 14.73 -16.13 6.69
N MET E 37 14.47 -17.31 6.21
CA MET E 37 14.36 -17.57 4.79
C MET E 37 13.21 -18.55 4.61
N GLY E 38 12.48 -18.41 3.49
CA GLY E 38 11.30 -19.22 3.25
C GLY E 38 11.22 -19.79 1.85
N TRP E 39 10.49 -20.87 1.75
CA TRP E 39 10.24 -21.49 0.44
C TRP E 39 8.74 -21.47 0.18
N PHE E 40 8.38 -21.06 -1.04
CA PHE E 40 6.99 -21.01 -1.51
C PHE E 40 6.83 -21.71 -2.87
N ARG E 41 5.61 -22.18 -3.17
CA ARG E 41 5.37 -22.82 -4.44
C ARG E 41 4.09 -22.29 -5.03
N GLN E 42 4.08 -22.20 -6.35
CA GLN E 42 2.95 -21.81 -7.19
C GLN E 42 2.64 -22.98 -8.14
N ALA E 43 1.56 -23.69 -7.86
CA ALA E 43 1.07 -24.70 -8.79
C ALA E 43 0.42 -24.06 -10.01
N PRO E 44 0.38 -24.80 -11.13
CA PRO E 44 -0.22 -24.22 -12.34
C PRO E 44 -1.70 -23.93 -12.14
N GLY E 45 -2.08 -22.69 -12.41
CA GLY E 45 -3.43 -22.19 -12.11
C GLY E 45 -3.79 -22.15 -10.64
N LYS E 46 -2.85 -21.89 -9.75
CA LYS E 46 -3.21 -21.91 -8.35
C LYS E 46 -2.46 -20.77 -7.67
N GLU E 47 -2.96 -20.42 -6.51
CA GLU E 47 -2.32 -19.35 -5.75
C GLU E 47 -0.98 -19.79 -5.16
N ARG E 48 -0.18 -18.80 -4.76
CA ARG E 48 1.07 -19.00 -4.05
C ARG E 48 0.83 -19.70 -2.72
N GLU E 49 1.70 -20.61 -2.38
CA GLU E 49 1.55 -21.45 -1.20
C GLU E 49 2.82 -21.43 -0.36
N PHE E 50 2.66 -21.26 0.96
CA PHE E 50 3.78 -21.41 1.89
C PHE E 50 4.14 -22.90 1.94
N VAL E 51 5.41 -23.18 1.77
CA VAL E 51 5.98 -24.51 1.88
C VAL E 51 6.72 -24.65 3.20
N ALA E 52 7.74 -23.81 3.39
CA ALA E 52 8.58 -23.93 4.58
C ALA E 52 9.27 -22.62 4.92
N THR E 53 9.47 -22.44 6.22
CA THR E 53 10.34 -21.36 6.65
C THR E 53 11.32 -21.85 7.69
N ILE E 54 12.54 -21.33 7.60
CA ILE E 54 13.62 -21.69 8.50
C ILE E 54 14.09 -20.39 9.18
N ASN E 55 14.34 -20.45 10.49
CA ASN E 55 14.69 -19.25 11.21
C ASN E 55 16.11 -18.83 10.88
N TRP E 56 16.49 -17.66 11.43
CA TRP E 56 17.75 -17.00 11.06
C TRP E 56 18.96 -17.88 11.39
N SER E 57 18.85 -18.65 12.46
CA SER E 57 19.98 -19.43 12.96
C SER E 57 20.06 -20.86 12.42
N GLY E 58 19.00 -21.36 11.75
CA GLY E 58 18.87 -22.73 11.28
C GLY E 58 18.27 -23.70 12.30
N SER E 59 17.98 -23.20 13.52
CA SER E 59 17.48 -23.99 14.66
C SER E 59 16.11 -24.58 14.43
N SER E 60 15.21 -23.85 13.74
CA SER E 60 13.81 -24.19 13.73
C SER E 60 13.22 -23.95 12.36
N ALA E 61 12.18 -24.71 12.08
CA ALA E 61 11.53 -24.70 10.79
C ALA E 61 10.05 -24.97 10.99
N ARG E 62 9.24 -24.43 10.09
CA ARG E 62 7.81 -24.66 10.08
C ARG E 62 7.48 -25.08 8.66
N TYR E 63 6.62 -26.09 8.56
CA TYR E 63 6.23 -26.66 7.27
C TYR E 63 4.73 -26.51 7.11
N ALA E 64 4.30 -26.38 5.85
CA ALA E 64 2.90 -26.40 5.46
C ALA E 64 2.32 -27.79 5.67
N ASP E 65 1.01 -27.87 5.79
CA ASP E 65 0.40 -29.17 6.06
C ASP E 65 0.70 -30.19 4.97
N PRO E 66 0.56 -29.90 3.68
CA PRO E 66 0.78 -30.96 2.66
C PRO E 66 2.21 -31.50 2.64
N VAL E 67 3.19 -30.61 2.88
CA VAL E 67 4.62 -30.89 2.94
C VAL E 67 5.13 -31.52 4.22
N GLU E 68 4.35 -31.51 5.30
CA GLU E 68 4.90 -31.93 6.58
C GLU E 68 5.39 -33.38 6.50
N GLY E 69 6.62 -33.61 6.93
CA GLY E 69 7.20 -34.94 6.98
C GLY E 69 7.96 -35.36 5.71
N ARG E 70 7.82 -34.63 4.63
CA ARG E 70 8.40 -35.00 3.35
C ARG E 70 9.43 -33.99 2.86
N PHE E 71 9.35 -32.75 3.31
CA PHE E 71 10.31 -31.73 2.91
C PHE E 71 11.24 -31.36 4.06
N THR E 72 12.44 -30.88 3.73
CA THR E 72 13.36 -30.39 4.76
C THR E 72 14.08 -29.14 4.32
N ILE E 73 13.97 -28.07 5.13
CA ILE E 73 14.59 -26.78 4.80
C ILE E 73 15.93 -26.67 5.55
N SER E 74 16.90 -26.04 4.92
CA SER E 74 18.26 -26.01 5.39
C SER E 74 18.86 -24.72 4.91
N ARG E 75 19.97 -24.31 5.53
CA ARG E 75 20.65 -23.09 5.13
C ARG E 75 22.14 -23.25 5.35
N ASP E 76 22.91 -22.55 4.53
CA ASP E 76 24.35 -22.44 4.55
C ASP E 76 24.60 -20.95 4.38
N ASP E 77 24.86 -20.24 5.49
CA ASP E 77 25.07 -18.79 5.38
C ASP E 77 26.38 -18.46 4.71
N ALA E 78 27.36 -19.33 4.84
CA ALA E 78 28.64 -19.07 4.17
C ALA E 78 28.47 -19.06 2.65
N LYS E 79 27.59 -19.92 2.15
CA LYS E 79 27.37 -19.98 0.73
C LYS E 79 26.16 -19.19 0.30
N ASN E 80 25.43 -18.60 1.22
CA ASN E 80 24.27 -17.78 0.91
C ASN E 80 23.22 -18.50 0.06
N THR E 81 22.89 -19.71 0.49
CA THR E 81 21.97 -20.53 -0.28
C THR E 81 21.04 -21.21 0.72
N VAL E 82 19.78 -21.38 0.36
CA VAL E 82 18.83 -22.16 1.13
C VAL E 82 18.54 -23.41 0.31
N TYR E 83 17.99 -24.44 0.97
CA TYR E 83 17.80 -25.72 0.33
C TYR E 83 16.45 -26.27 0.72
N LEU E 84 15.81 -26.97 -0.20
CA LEU E 84 14.53 -27.65 0.05
C LEU E 84 14.67 -29.08 -0.46
N GLU E 85 14.79 -30.01 0.45
CA GLU E 85 14.95 -31.40 0.14
C GLU E 85 13.56 -32.03 0.15
N MET E 86 13.07 -32.41 -1.02
CA MET E 86 11.74 -32.94 -1.22
C MET E 86 11.87 -34.45 -1.36
N SER E 87 10.99 -35.19 -0.70
CA SER E 87 11.06 -36.64 -0.72
C SER E 87 9.65 -37.20 -0.88
N SER E 88 9.57 -38.43 -1.41
CA SER E 88 8.30 -39.12 -1.67
C SER E 88 7.33 -38.17 -2.36
N LEU E 89 7.82 -37.61 -3.46
CA LEU E 89 7.07 -36.59 -4.18
C LEU E 89 5.75 -37.15 -4.73
N LYS E 90 4.77 -36.28 -4.86
CA LYS E 90 3.44 -36.60 -5.32
C LYS E 90 3.21 -35.72 -6.53
N PRO E 91 2.31 -36.10 -7.43
CA PRO E 91 2.05 -35.17 -8.54
C PRO E 91 1.61 -33.79 -8.02
N GLY E 92 0.84 -33.72 -6.94
CA GLY E 92 0.38 -32.45 -6.39
C GLY E 92 1.48 -31.52 -5.87
N ASP E 93 2.67 -32.06 -5.60
CA ASP E 93 3.82 -31.21 -5.33
C ASP E 93 4.30 -30.52 -6.60
N SER E 94 3.72 -30.84 -7.74
CA SER E 94 4.15 -30.26 -9.00
C SER E 94 3.81 -28.77 -9.02
N ALA E 95 4.82 -27.95 -9.27
CA ALA E 95 4.70 -26.50 -9.17
C ALA E 95 5.98 -25.72 -9.50
N VAL E 96 5.91 -24.40 -9.43
CA VAL E 96 7.13 -23.59 -9.45
C VAL E 96 7.47 -23.25 -8.02
N TYR E 97 8.71 -23.57 -7.62
CA TYR E 97 9.23 -23.42 -6.25
C TYR E 97 10.21 -22.24 -6.22
N TYR E 98 10.09 -21.38 -5.23
CA TYR E 98 11.04 -20.28 -5.12
C TYR E 98 11.27 -19.98 -3.66
N CYS E 99 12.38 -19.33 -3.38
CA CYS E 99 12.65 -18.90 -1.99
C CYS E 99 12.49 -17.38 -1.85
N ALA E 100 12.38 -16.97 -0.60
CA ALA E 100 12.34 -15.55 -0.29
C ALA E 100 13.11 -15.27 1.00
N SER E 101 13.69 -14.07 1.00
CA SER E 101 14.36 -13.51 2.16
C SER E 101 13.36 -13.11 3.20
N GLY E 102 13.55 -13.58 4.42
CA GLY E 102 12.63 -13.34 5.51
C GLY E 102 13.07 -12.18 6.37
N ARG E 103 12.65 -12.23 7.61
CA ARG E 103 12.85 -11.12 8.52
C ARG E 103 14.17 -11.22 9.25
N TYR E 104 14.73 -10.03 9.55
CA TYR E 104 15.93 -9.93 10.35
C TYR E 104 15.68 -10.66 11.66
N LEU E 105 16.48 -11.68 11.93
CA LEU E 105 16.43 -12.31 13.24
C LEU E 105 15.06 -12.91 13.50
N GLY E 106 14.40 -13.45 12.47
CA GLY E 106 13.04 -13.93 12.63
C GLY E 106 13.00 -15.42 12.68
N GLY E 107 11.81 -15.94 12.99
CA GLY E 107 11.54 -17.32 12.62
C GLY E 107 10.16 -17.82 12.95
N ILE E 108 9.73 -18.84 12.22
CA ILE E 108 8.65 -19.78 12.55
C ILE E 108 7.24 -19.23 12.73
N THR E 109 7.12 -18.20 13.57
CA THR E 109 5.90 -17.41 13.75
C THR E 109 5.63 -16.51 12.57
N SER E 110 6.65 -16.25 11.76
CA SER E 110 6.51 -15.47 10.53
C SER E 110 6.54 -16.40 9.35
N TYR E 111 5.34 -16.80 8.88
CA TYR E 111 5.17 -17.62 7.68
C TYR E 111 4.18 -17.03 6.68
N SER E 112 3.76 -15.78 6.86
CA SER E 112 2.93 -15.13 5.88
C SER E 112 3.74 -14.52 4.75
N GLN E 113 3.05 -14.24 3.66
CA GLN E 113 3.70 -13.70 2.47
C GLN E 113 4.25 -12.32 2.74
N GLY E 114 3.60 -11.56 3.57
CA GLY E 114 4.16 -10.28 4.00
C GLY E 114 5.37 -10.37 4.93
N ASP E 115 5.71 -11.56 5.41
CA ASP E 115 6.90 -11.79 6.23
C ASP E 115 8.15 -12.05 5.40
N PHE E 116 8.08 -12.04 4.07
CA PHE E 116 9.23 -12.31 3.21
C PHE E 116 9.29 -11.24 2.13
N ALA E 117 10.51 -10.85 1.76
CA ALA E 117 10.77 -9.93 0.66
C ALA E 117 12.29 -9.69 0.68
N PRO E 118 12.96 -9.66 -0.46
CA PRO E 118 12.45 -9.92 -1.80
C PRO E 118 12.15 -11.40 -2.10
N TRP E 119 11.66 -11.62 -3.33
CA TRP E 119 11.19 -12.90 -3.81
C TRP E 119 12.17 -13.34 -4.87
N GLY E 120 12.44 -14.64 -4.94
CA GLY E 120 13.37 -15.16 -5.95
C GLY E 120 12.72 -15.79 -7.18
N GLN E 121 13.47 -15.89 -8.27
CA GLN E 121 13.00 -16.58 -9.46
C GLN E 121 12.92 -18.08 -9.22
N GLY E 122 11.85 -18.69 -9.66
CA GLY E 122 11.59 -20.08 -9.34
C GLY E 122 12.10 -21.08 -10.39
N THR E 123 11.97 -22.35 -10.02
CA THR E 123 12.42 -23.52 -10.76
C THR E 123 11.24 -24.48 -10.81
N GLN E 124 10.96 -25.04 -11.96
CA GLN E 124 9.76 -25.83 -12.11
C GLN E 124 10.06 -27.27 -11.72
N VAL E 125 9.19 -27.84 -10.90
CA VAL E 125 9.21 -29.25 -10.53
C VAL E 125 7.93 -29.89 -11.08
N THR E 126 8.08 -30.91 -11.92
CA THR E 126 6.95 -31.67 -12.41
C THR E 126 7.08 -33.10 -11.92
N VAL E 127 6.01 -33.62 -11.31
CA VAL E 127 5.94 -34.99 -10.81
C VAL E 127 4.83 -35.76 -11.52
N SER E 128 5.20 -36.83 -12.23
CA SER E 128 4.25 -37.70 -12.90
C SER E 128 4.00 -38.94 -12.05
N SER E 129 2.82 -39.53 -12.23
CA SER E 129 2.47 -40.74 -11.51
C SER E 129 3.15 -41.94 -12.16
N ALA E 130 4.07 -42.56 -11.45
CA ALA E 130 4.90 -43.59 -12.02
C ALA E 130 5.51 -44.46 -10.94
N MET F 1 -4.07 9.11 -9.38
CA MET F 1 -5.49 9.06 -9.79
C MET F 1 -5.65 8.85 -11.28
N ALA F 2 -6.93 8.74 -11.68
CA ALA F 2 -7.31 8.54 -13.09
C ALA F 2 -8.50 9.43 -13.48
N GLU F 3 -8.58 9.80 -14.74
CA GLU F 3 -9.83 10.36 -15.25
C GLU F 3 -10.87 9.25 -15.20
N VAL F 4 -12.14 9.61 -15.31
CA VAL F 4 -13.23 8.64 -15.27
C VAL F 4 -13.00 7.66 -16.41
N GLN F 5 -13.11 6.38 -16.11
CA GLN F 5 -12.94 5.29 -17.07
C GLN F 5 -14.22 4.46 -17.16
N LEU F 6 -15.16 4.67 -16.25
CA LEU F 6 -16.46 4.03 -16.19
C LEU F 6 -17.44 5.09 -15.72
N GLN F 7 -18.60 5.22 -16.35
CA GLN F 7 -19.52 6.32 -16.06
C GLN F 7 -20.91 5.75 -15.89
N ALA F 8 -21.51 5.95 -14.74
CA ALA F 8 -22.85 5.44 -14.46
C ALA F 8 -23.88 6.52 -14.77
N SER F 9 -25.07 6.09 -15.13
CA SER F 9 -26.11 7.01 -15.59
C SER F 9 -27.44 6.32 -15.39
N GLY F 10 -28.51 7.09 -15.60
CA GLY F 10 -29.84 6.58 -15.43
C GLY F 10 -30.39 6.78 -14.05
N GLY F 11 -29.68 7.50 -13.18
CA GLY F 11 -30.23 7.79 -11.89
C GLY F 11 -31.27 8.90 -12.01
N GLY F 12 -32.22 8.89 -11.09
CA GLY F 12 -33.12 10.03 -10.94
C GLY F 12 -33.91 9.95 -9.64
N LEU F 13 -34.88 10.86 -9.54
CA LEU F 13 -35.88 10.81 -8.49
C LEU F 13 -37.00 9.86 -8.91
N VAL F 14 -37.34 8.91 -8.04
CA VAL F 14 -38.34 7.89 -8.30
C VAL F 14 -39.17 7.73 -7.03
N GLN F 15 -40.33 7.09 -7.16
CA GLN F 15 -41.19 6.82 -6.01
C GLN F 15 -41.04 5.34 -5.64
N ALA F 16 -41.45 5.02 -4.42
CA ALA F 16 -41.33 3.64 -3.95
C ALA F 16 -42.17 2.72 -4.83
N GLY F 17 -41.62 1.54 -5.12
CA GLY F 17 -42.25 0.59 -6.02
C GLY F 17 -41.79 0.70 -7.45
N ASP F 18 -41.15 1.80 -7.81
CA ASP F 18 -40.72 2.04 -9.17
C ASP F 18 -39.50 1.20 -9.53
N SER F 19 -39.33 1.01 -10.83
CA SER F 19 -38.18 0.35 -11.42
C SER F 19 -37.37 1.41 -12.14
N LEU F 20 -36.04 1.28 -12.10
CA LEU F 20 -35.12 2.19 -12.75
C LEU F 20 -34.07 1.31 -13.42
N ARG F 21 -33.40 1.84 -14.43
CA ARG F 21 -32.31 1.09 -15.05
C ARG F 21 -31.02 1.88 -15.24
N LEU F 22 -29.95 1.41 -14.62
CA LEU F 22 -28.68 2.11 -14.67
C LEU F 22 -27.79 1.50 -15.73
N SER F 23 -26.97 2.35 -16.32
CA SER F 23 -25.93 1.89 -17.22
C SER F 23 -24.61 2.54 -16.78
N CYS F 24 -23.56 1.73 -16.78
CA CYS F 24 -22.19 2.10 -16.48
C CYS F 24 -21.44 1.81 -17.79
N VAL F 25 -20.79 2.82 -18.34
CA VAL F 25 -20.17 2.76 -19.67
C VAL F 25 -18.66 2.97 -19.56
N ALA F 26 -17.89 2.02 -20.08
CA ALA F 26 -16.44 2.17 -20.19
C ALA F 26 -16.10 3.11 -21.34
N VAL F 27 -15.09 3.96 -21.14
CA VAL F 27 -14.68 4.94 -22.14
C VAL F 27 -13.19 4.89 -22.44
N SER F 28 -12.80 5.59 -23.51
CA SER F 28 -11.40 5.88 -23.83
C SER F 28 -10.63 4.65 -24.30
N GLY F 29 -11.31 3.69 -24.91
CA GLY F 29 -10.70 2.42 -25.28
C GLY F 29 -10.91 1.30 -24.27
N ARG F 30 -11.45 1.64 -23.09
CA ARG F 30 -11.64 0.63 -22.07
C ARG F 30 -12.67 -0.41 -22.46
N THR F 31 -12.31 -1.69 -22.19
CA THR F 31 -13.11 -2.87 -22.43
C THR F 31 -13.44 -3.51 -21.10
N ILE F 32 -14.64 -4.04 -21.01
CA ILE F 32 -15.08 -4.87 -19.91
C ILE F 32 -14.99 -6.32 -20.27
N SER F 33 -14.51 -6.63 -21.46
CA SER F 33 -14.70 -7.99 -21.94
C SER F 33 -13.70 -8.93 -21.27
N THR F 34 -14.20 -10.11 -20.89
CA THR F 34 -13.45 -11.16 -20.26
C THR F 34 -12.92 -10.68 -18.90
N PHE F 35 -13.62 -9.66 -18.37
CA PHE F 35 -13.46 -9.16 -17.00
C PHE F 35 -14.79 -9.21 -16.25
N ALA F 36 -14.79 -9.64 -14.99
CA ALA F 36 -15.99 -9.53 -14.16
C ALA F 36 -16.22 -8.07 -13.81
N MET F 37 -17.47 -7.79 -13.42
CA MET F 37 -17.97 -6.45 -13.19
C MET F 37 -18.88 -6.46 -11.98
N GLY F 38 -18.94 -5.32 -11.27
CA GLY F 38 -19.73 -5.18 -10.06
C GLY F 38 -20.44 -3.83 -9.99
N TRP F 39 -21.46 -3.77 -9.15
CA TRP F 39 -22.17 -2.52 -8.84
C TRP F 39 -22.08 -2.26 -7.35
N PHE F 40 -21.76 -1.03 -6.98
CA PHE F 40 -21.66 -0.65 -5.57
C PHE F 40 -22.45 0.62 -5.28
N ARG F 41 -22.86 0.82 -4.03
CA ARG F 41 -23.61 2.02 -3.70
C ARG F 41 -23.13 2.66 -2.41
N GLN F 42 -23.17 3.99 -2.39
CA GLN F 42 -22.86 4.80 -1.22
C GLN F 42 -24.08 5.62 -0.81
N ALA F 43 -24.79 5.13 0.19
CA ALA F 43 -25.87 5.90 0.80
C ALA F 43 -25.29 7.05 1.62
N PRO F 44 -26.01 8.16 1.72
CA PRO F 44 -25.45 9.33 2.41
C PRO F 44 -25.16 9.04 3.88
N GLY F 45 -23.92 9.37 4.28
CA GLY F 45 -23.40 9.07 5.60
C GLY F 45 -23.26 7.61 5.89
N LYS F 46 -22.91 6.83 4.88
CA LYS F 46 -22.78 5.40 5.02
C LYS F 46 -21.63 4.96 4.15
N GLU F 47 -21.10 3.79 4.49
CA GLU F 47 -19.96 3.27 3.76
C GLU F 47 -20.40 2.65 2.43
N ARG F 48 -19.42 2.48 1.56
CA ARG F 48 -19.62 1.78 0.31
C ARG F 48 -20.15 0.40 0.66
N GLU F 49 -21.11 -0.04 -0.13
CA GLU F 49 -21.83 -1.27 0.07
C GLU F 49 -21.79 -2.06 -1.23
N PHE F 50 -21.49 -3.36 -1.13
CA PHE F 50 -21.61 -4.23 -2.30
C PHE F 50 -23.07 -4.39 -2.67
N VAL F 51 -23.36 -4.23 -3.98
CA VAL F 51 -24.69 -4.43 -4.54
C VAL F 51 -24.76 -5.70 -5.38
N ALA F 52 -23.98 -5.76 -6.46
CA ALA F 52 -24.06 -6.88 -7.39
C ALA F 52 -22.74 -7.07 -8.11
N THR F 53 -22.47 -8.34 -8.43
CA THR F 53 -21.33 -8.73 -9.26
C THR F 53 -21.76 -9.78 -10.28
N ILE F 54 -21.20 -9.68 -11.48
CA ILE F 54 -21.43 -10.62 -12.58
C ILE F 54 -20.06 -11.09 -13.06
N ASN F 55 -19.92 -12.39 -13.31
CA ASN F 55 -18.64 -12.94 -13.75
C ASN F 55 -18.37 -12.56 -15.21
N TRP F 56 -17.19 -12.91 -15.70
CA TRP F 56 -16.72 -12.45 -17.01
C TRP F 56 -17.63 -12.91 -18.18
N SER F 57 -18.20 -14.09 -18.08
CA SER F 57 -19.01 -14.62 -19.18
C SER F 57 -20.50 -14.27 -19.08
N GLY F 58 -20.96 -13.75 -17.95
CA GLY F 58 -22.36 -13.52 -17.72
C GLY F 58 -23.07 -14.73 -17.18
N SER F 59 -22.38 -15.86 -17.08
CA SER F 59 -23.00 -17.09 -16.63
C SER F 59 -23.61 -16.96 -15.25
N SER F 60 -22.98 -16.15 -14.37
CA SER F 60 -23.25 -16.17 -12.94
C SER F 60 -23.29 -14.76 -12.37
N ALA F 61 -24.10 -14.58 -11.34
CA ALA F 61 -24.17 -13.29 -10.67
C ALA F 61 -24.53 -13.50 -9.20
N ARG F 62 -24.07 -12.57 -8.36
CA ARG F 62 -24.30 -12.56 -6.92
C ARG F 62 -24.83 -11.21 -6.50
N TYR F 63 -25.75 -11.23 -5.55
CA TYR F 63 -26.39 -10.02 -5.05
C TYR F 63 -26.25 -9.93 -3.53
N ALA F 64 -26.23 -8.69 -3.03
CA ALA F 64 -26.31 -8.45 -1.61
C ALA F 64 -27.68 -8.91 -1.09
N ASP F 65 -27.75 -9.14 0.22
CA ASP F 65 -29.02 -9.62 0.78
C ASP F 65 -30.17 -8.63 0.53
N PRO F 66 -30.02 -7.33 0.79
CA PRO F 66 -31.15 -6.39 0.53
C PRO F 66 -31.57 -6.28 -0.94
N VAL F 67 -30.62 -6.34 -1.86
CA VAL F 67 -30.84 -6.27 -3.30
C VAL F 67 -31.40 -7.55 -3.88
N GLU F 68 -31.22 -8.66 -3.18
CA GLU F 68 -31.60 -9.96 -3.71
C GLU F 68 -33.09 -10.03 -3.96
N GLY F 69 -33.44 -10.56 -5.13
CA GLY F 69 -34.82 -10.79 -5.47
C GLY F 69 -35.48 -9.59 -6.10
N ARG F 70 -34.81 -8.46 -6.09
CA ARG F 70 -35.34 -7.19 -6.58
C ARG F 70 -34.47 -6.57 -7.66
N PHE F 71 -33.17 -6.84 -7.67
CA PHE F 71 -32.21 -6.29 -8.63
C PHE F 71 -31.68 -7.39 -9.52
N THR F 72 -31.36 -7.01 -10.77
CA THR F 72 -30.80 -7.94 -11.76
C THR F 72 -29.63 -7.29 -12.50
N ILE F 73 -28.46 -7.94 -12.46
CA ILE F 73 -27.25 -7.41 -13.07
C ILE F 73 -27.06 -8.04 -14.44
N SER F 74 -26.55 -7.25 -15.39
CA SER F 74 -26.39 -7.71 -16.76
C SER F 74 -25.17 -7.03 -17.42
N ARG F 75 -24.75 -7.59 -18.54
CA ARG F 75 -23.65 -7.05 -19.33
C ARG F 75 -23.90 -7.23 -20.83
N ASP F 76 -23.32 -6.31 -21.60
CA ASP F 76 -23.28 -6.25 -23.04
C ASP F 76 -21.83 -5.90 -23.39
N ASP F 77 -21.01 -6.88 -23.76
CA ASP F 77 -19.62 -6.57 -24.07
C ASP F 77 -19.44 -5.82 -25.37
N ALA F 78 -20.31 -6.04 -26.38
CA ALA F 78 -20.10 -5.36 -27.66
C ALA F 78 -20.16 -3.84 -27.50
N LYS F 79 -21.00 -3.36 -26.60
CA LYS F 79 -21.12 -1.95 -26.25
C LYS F 79 -20.34 -1.55 -24.99
N ASN F 80 -19.64 -2.50 -24.34
CA ASN F 80 -18.81 -2.24 -23.15
C ASN F 80 -19.62 -1.54 -22.06
N THR F 81 -20.77 -2.11 -21.73
CA THR F 81 -21.62 -1.52 -20.73
C THR F 81 -22.18 -2.61 -19.82
N VAL F 82 -22.31 -2.25 -18.55
CA VAL F 82 -22.98 -3.03 -17.51
C VAL F 82 -24.34 -2.36 -17.19
N TYR F 83 -25.23 -3.15 -16.59
CA TYR F 83 -26.59 -2.71 -16.35
C TYR F 83 -26.96 -3.23 -14.98
N LEU F 84 -27.73 -2.45 -14.26
CA LEU F 84 -28.31 -2.84 -12.98
C LEU F 84 -29.78 -2.49 -13.12
N GLU F 85 -30.62 -3.51 -13.24
CA GLU F 85 -32.06 -3.35 -13.35
C GLU F 85 -32.62 -3.35 -11.94
N MET F 86 -33.23 -2.24 -11.53
CA MET F 86 -33.78 -2.08 -10.20
C MET F 86 -35.31 -2.14 -10.28
N SER F 87 -35.92 -2.89 -9.36
CA SER F 87 -37.38 -3.02 -9.30
C SER F 87 -37.86 -2.98 -7.86
N SER F 88 -39.13 -2.58 -7.69
CA SER F 88 -39.73 -2.43 -6.37
C SER F 88 -38.83 -1.62 -5.44
N LEU F 89 -38.38 -0.47 -5.93
CA LEU F 89 -37.36 0.29 -5.23
C LEU F 89 -37.88 0.76 -3.88
N LYS F 90 -36.97 0.89 -2.93
CA LYS F 90 -37.28 1.25 -1.57
C LYS F 90 -36.60 2.56 -1.21
N PRO F 91 -37.12 3.29 -0.22
CA PRO F 91 -36.43 4.53 0.21
C PRO F 91 -35.02 4.29 0.66
N GLY F 92 -34.76 3.14 1.30
CA GLY F 92 -33.40 2.79 1.70
C GLY F 92 -32.44 2.50 0.54
N ASP F 93 -32.97 2.08 -0.62
CA ASP F 93 -32.14 1.94 -1.82
C ASP F 93 -31.66 3.28 -2.35
N SER F 94 -32.02 4.36 -1.65
CA SER F 94 -31.50 5.68 -1.94
C SER F 94 -30.00 5.75 -1.68
N ALA F 95 -29.25 6.19 -2.68
CA ALA F 95 -27.80 6.09 -2.66
C ALA F 95 -27.20 6.65 -3.93
N VAL F 96 -25.87 6.64 -4.02
CA VAL F 96 -25.16 6.85 -5.29
C VAL F 96 -24.67 5.50 -5.76
N TYR F 97 -24.95 5.16 -7.03
CA TYR F 97 -24.65 3.85 -7.63
C TYR F 97 -23.52 4.02 -8.63
N TYR F 98 -22.55 3.10 -8.61
CA TYR F 98 -21.48 3.08 -9.58
C TYR F 98 -21.05 1.64 -9.78
N CYS F 99 -20.39 1.39 -10.90
CA CYS F 99 -19.81 0.08 -11.15
C CYS F 99 -18.28 0.16 -11.09
N ALA F 100 -17.65 -1.00 -11.08
CA ALA F 100 -16.21 -1.12 -11.16
C ALA F 100 -15.86 -2.36 -11.96
N SER F 101 -14.72 -2.26 -12.65
CA SER F 101 -14.14 -3.39 -13.35
C SER F 101 -13.58 -4.40 -12.39
N GLY F 102 -13.94 -5.66 -12.59
CA GLY F 102 -13.50 -6.75 -11.74
C GLY F 102 -12.25 -7.47 -12.25
N ARG F 103 -12.12 -8.72 -11.83
CA ARG F 103 -10.95 -9.53 -12.15
C ARG F 103 -11.10 -10.29 -13.47
N TYR F 104 -9.94 -10.45 -14.10
CA TYR F 104 -9.88 -11.18 -15.35
C TYR F 104 -10.39 -12.60 -15.14
N LEU F 105 -11.43 -12.99 -15.90
CA LEU F 105 -11.88 -14.38 -15.95
C LEU F 105 -12.35 -14.87 -14.57
N GLY F 106 -12.91 -13.95 -13.78
CA GLY F 106 -13.29 -14.22 -12.41
C GLY F 106 -14.81 -14.17 -12.27
N GLY F 107 -15.28 -14.53 -11.08
CA GLY F 107 -16.62 -14.11 -10.69
C GLY F 107 -17.05 -14.66 -9.34
N ILE F 108 -18.05 -13.99 -8.79
CA ILE F 108 -18.96 -14.46 -7.75
C ILE F 108 -18.33 -14.67 -6.39
N THR F 109 -17.30 -15.49 -6.31
CA THR F 109 -16.60 -15.72 -5.06
C THR F 109 -15.85 -14.48 -4.60
N SER F 110 -15.46 -13.63 -5.53
CA SER F 110 -14.77 -12.38 -5.26
C SER F 110 -15.77 -11.24 -5.37
N TYR F 111 -16.31 -10.83 -4.24
CA TYR F 111 -17.22 -9.68 -4.19
C TYR F 111 -16.70 -8.61 -3.22
N SER F 112 -15.42 -8.68 -2.82
CA SER F 112 -14.81 -7.68 -1.97
C SER F 112 -14.36 -6.46 -2.75
N GLN F 113 -14.20 -5.36 -2.03
CA GLN F 113 -13.90 -4.08 -2.64
C GLN F 113 -12.52 -4.10 -3.29
N GLY F 114 -11.59 -4.86 -2.75
CA GLY F 114 -10.30 -5.06 -3.43
C GLY F 114 -10.37 -5.95 -4.66
N ASP F 115 -11.47 -6.64 -4.87
CA ASP F 115 -11.61 -7.43 -6.08
C ASP F 115 -12.07 -6.62 -7.29
N PHE F 116 -12.16 -5.30 -7.20
CA PHE F 116 -12.58 -4.45 -8.30
C PHE F 116 -11.62 -3.27 -8.41
N ALA F 117 -11.36 -2.87 -9.65
CA ALA F 117 -10.66 -1.61 -9.94
C ALA F 117 -10.43 -1.50 -11.46
N PRO F 118 -10.60 -0.34 -12.06
CA PRO F 118 -11.03 0.97 -11.54
C PRO F 118 -12.48 1.13 -11.16
N TRP F 119 -12.83 2.32 -10.71
CA TRP F 119 -14.16 2.64 -10.21
C TRP F 119 -14.76 3.72 -11.09
N GLY F 120 -16.09 3.69 -11.24
CA GLY F 120 -16.80 4.63 -12.10
C GLY F 120 -17.47 5.76 -11.33
N GLN F 121 -17.64 6.88 -12.02
CA GLN F 121 -18.43 7.95 -11.47
C GLN F 121 -19.90 7.53 -11.39
N GLY F 122 -20.57 7.91 -10.29
CA GLY F 122 -21.88 7.41 -9.96
C GLY F 122 -23.04 8.28 -10.46
N THR F 123 -24.25 7.74 -10.28
CA THR F 123 -25.49 8.37 -10.68
C THR F 123 -26.41 8.31 -9.48
N GLN F 124 -27.05 9.43 -9.15
CA GLN F 124 -27.81 9.49 -7.91
C GLN F 124 -29.20 8.92 -8.10
N VAL F 125 -29.59 8.05 -7.19
CA VAL F 125 -30.93 7.49 -7.12
C VAL F 125 -31.52 7.90 -5.79
N THR F 126 -32.62 8.64 -5.85
CA THR F 126 -33.37 9.04 -4.67
C THR F 126 -34.76 8.43 -4.79
N VAL F 127 -35.20 7.71 -3.76
CA VAL F 127 -36.49 7.05 -3.78
C VAL F 127 -37.31 7.70 -2.67
N SER F 128 -38.41 8.32 -3.04
CA SER F 128 -39.23 9.01 -2.07
C SER F 128 -40.27 8.03 -1.56
N SER F 129 -40.74 8.26 -0.34
CA SER F 129 -41.80 7.45 0.25
C SER F 129 -43.16 7.92 -0.29
N ALA F 130 -43.34 7.71 -1.58
CA ALA F 130 -44.62 8.02 -2.22
C ALA F 130 -45.01 6.84 -3.13
#